data_2D9A
#
_entry.id   2D9A
#
_entity_poly.entity_id   1
_entity_poly.type   'polypeptide(L)'
_entity_poly.pdbx_seq_one_letter_code
;GSSGSSGKVKWTHEEDEQLRALVRQFGQQDWKFLASHFPNRTDQQCQYRWLRVLSGPSSG
;
_entity_poly.pdbx_strand_id   A
#
# COMPACT_ATOMS: atom_id res chain seq x y z
N GLY A 1 13.12 -2.67 5.09
CA GLY A 1 13.09 -3.31 6.39
C GLY A 1 14.52 -3.64 6.86
N SER A 2 14.60 -4.15 8.09
CA SER A 2 15.88 -4.50 8.67
C SER A 2 15.68 -5.52 9.79
N SER A 3 15.25 -5.02 10.94
CA SER A 3 15.03 -5.88 12.09
C SER A 3 13.59 -5.70 12.60
N GLY A 4 12.96 -6.82 12.91
CA GLY A 4 11.59 -6.80 13.41
C GLY A 4 10.60 -7.23 12.33
N SER A 5 9.38 -7.50 12.76
CA SER A 5 8.34 -7.91 11.83
C SER A 5 6.96 -7.73 12.48
N SER A 6 6.14 -6.93 11.82
CA SER A 6 4.80 -6.66 12.32
C SER A 6 4.11 -5.62 11.44
N GLY A 7 2.90 -5.95 11.01
CA GLY A 7 2.13 -5.06 10.16
C GLY A 7 0.66 -5.04 10.58
N LYS A 8 0.22 -3.87 11.01
CA LYS A 8 -1.15 -3.70 11.45
C LYS A 8 -2.03 -3.38 10.23
N VAL A 9 -3.33 -3.25 10.49
CA VAL A 9 -4.28 -2.96 9.43
C VAL A 9 -4.31 -4.12 8.44
N LYS A 10 -5.52 -4.52 8.10
CA LYS A 10 -5.71 -5.62 7.16
C LYS A 10 -5.83 -5.06 5.74
N TRP A 11 -5.56 -5.92 4.77
CA TRP A 11 -5.63 -5.52 3.38
C TRP A 11 -6.22 -6.69 2.58
N THR A 12 -7.08 -6.36 1.64
CA THR A 12 -7.72 -7.37 0.81
C THR A 12 -7.40 -7.12 -0.67
N HIS A 13 -7.88 -8.03 -1.50
CA HIS A 13 -7.65 -7.92 -2.93
C HIS A 13 -8.20 -6.59 -3.45
N GLU A 14 -9.08 -6.00 -2.66
CA GLU A 14 -9.69 -4.73 -3.01
C GLU A 14 -8.66 -3.60 -2.92
N GLU A 15 -8.26 -3.30 -1.70
CA GLU A 15 -7.28 -2.26 -1.45
C GLU A 15 -6.04 -2.49 -2.32
N ASP A 16 -5.43 -3.64 -2.12
CA ASP A 16 -4.23 -3.99 -2.88
C ASP A 16 -4.43 -3.59 -4.34
N GLU A 17 -5.46 -4.17 -4.95
CA GLU A 17 -5.76 -3.88 -6.34
C GLU A 17 -5.91 -2.38 -6.55
N GLN A 18 -6.68 -1.76 -5.67
CA GLN A 18 -6.91 -0.33 -5.75
C GLN A 18 -5.58 0.43 -5.70
N LEU A 19 -4.85 0.21 -4.62
CA LEU A 19 -3.57 0.86 -4.44
C LEU A 19 -2.66 0.54 -5.64
N ARG A 20 -2.69 -0.73 -6.04
CA ARG A 20 -1.89 -1.17 -7.16
C ARG A 20 -2.17 -0.30 -8.39
N ALA A 21 -3.45 -0.15 -8.69
CA ALA A 21 -3.86 0.65 -9.83
C ALA A 21 -3.59 2.13 -9.53
N LEU A 22 -3.97 2.55 -8.34
CA LEU A 22 -3.78 3.92 -7.93
C LEU A 22 -2.32 4.32 -8.18
N VAL A 23 -1.43 3.38 -7.93
CA VAL A 23 -0.01 3.64 -8.14
C VAL A 23 0.23 3.99 -9.60
N ARG A 24 -0.02 3.03 -10.47
CA ARG A 24 0.16 3.24 -11.90
C ARG A 24 -0.70 4.40 -12.38
N GLN A 25 -1.85 4.55 -11.73
CA GLN A 25 -2.77 5.62 -12.09
C GLN A 25 -2.01 6.93 -12.32
N PHE A 26 -1.42 7.44 -11.25
CA PHE A 26 -0.67 8.67 -11.32
C PHE A 26 0.81 8.43 -11.02
N GLY A 27 1.05 7.72 -9.92
CA GLY A 27 2.41 7.41 -9.51
C GLY A 27 2.49 7.23 -8.00
N GLN A 28 3.09 6.12 -7.60
CA GLN A 28 3.23 5.82 -6.18
C GLN A 28 4.05 6.92 -5.49
N GLN A 29 4.85 7.60 -6.29
CA GLN A 29 5.69 8.68 -5.78
C GLN A 29 4.88 9.56 -4.81
N ASP A 30 3.64 9.83 -5.21
CA ASP A 30 2.77 10.66 -4.39
C ASP A 30 1.85 9.76 -3.57
N TRP A 31 2.35 9.33 -2.42
CA TRP A 31 1.59 8.47 -1.54
C TRP A 31 0.60 9.34 -0.75
N LYS A 32 1.16 10.38 -0.13
CA LYS A 32 0.35 11.30 0.65
C LYS A 32 -0.97 11.55 -0.06
N PHE A 33 -0.91 11.55 -1.39
CA PHE A 33 -2.10 11.76 -2.20
C PHE A 33 -2.89 10.47 -2.37
N LEU A 34 -2.17 9.41 -2.71
CA LEU A 34 -2.79 8.12 -2.90
C LEU A 34 -3.62 7.75 -1.66
N ALA A 35 -2.95 7.83 -0.52
CA ALA A 35 -3.60 7.51 0.75
C ALA A 35 -4.96 8.21 0.79
N SER A 36 -5.03 9.37 0.16
CA SER A 36 -6.26 10.14 0.13
C SER A 36 -7.41 9.25 -0.32
N HIS A 37 -7.15 8.45 -1.34
CA HIS A 37 -8.15 7.56 -1.87
C HIS A 37 -8.69 6.65 -0.75
N PHE A 38 -7.80 6.34 0.18
CA PHE A 38 -8.17 5.49 1.30
C PHE A 38 -8.31 6.31 2.58
N PRO A 39 -9.59 6.54 2.98
CA PRO A 39 -9.87 7.31 4.18
C PRO A 39 -9.60 6.48 5.43
N ASN A 40 -9.55 5.17 5.24
CA ASN A 40 -9.30 4.26 6.35
C ASN A 40 -7.79 4.01 6.46
N ARG A 41 -7.13 4.05 5.31
CA ARG A 41 -5.69 3.83 5.27
C ARG A 41 -4.95 5.16 5.32
N THR A 42 -3.64 5.09 5.09
CA THR A 42 -2.81 6.28 5.12
C THR A 42 -1.59 6.09 4.21
N ASP A 43 -0.80 7.14 4.11
CA ASP A 43 0.40 7.10 3.29
C ASP A 43 1.34 6.00 3.80
N GLN A 44 1.60 6.05 5.10
CA GLN A 44 2.46 5.07 5.73
C GLN A 44 1.95 3.66 5.46
N GLN A 45 0.77 3.37 6.00
CA GLN A 45 0.16 2.07 5.82
C GLN A 45 0.20 1.66 4.35
N CYS A 46 -0.11 2.61 3.49
CA CYS A 46 -0.11 2.36 2.06
C CYS A 46 1.32 2.00 1.64
N GLN A 47 2.18 3.01 1.66
CA GLN A 47 3.57 2.81 1.29
C GLN A 47 4.11 1.52 1.91
N TYR A 48 3.86 1.38 3.21
CA TYR A 48 4.31 0.22 3.95
C TYR A 48 3.76 -1.07 3.32
N ARG A 49 2.45 -1.20 3.37
CA ARG A 49 1.79 -2.37 2.82
C ARG A 49 2.29 -2.64 1.39
N TRP A 50 2.71 -1.57 0.74
CA TRP A 50 3.21 -1.67 -0.63
C TRP A 50 4.65 -2.17 -0.55
N LEU A 51 5.49 -1.38 0.09
CA LEU A 51 6.90 -1.73 0.23
C LEU A 51 7.02 -3.03 1.03
N ARG A 52 5.89 -3.46 1.56
CA ARG A 52 5.85 -4.68 2.36
C ARG A 52 5.23 -5.82 1.53
N VAL A 53 4.12 -5.51 0.89
CA VAL A 53 3.42 -6.49 0.07
C VAL A 53 3.57 -6.13 -1.40
N LEU A 54 3.06 -4.96 -1.74
CA LEU A 54 3.12 -4.48 -3.11
C LEU A 54 4.56 -4.02 -3.41
N SER A 55 5.46 -4.98 -3.44
CA SER A 55 6.86 -4.68 -3.71
C SER A 55 7.62 -5.98 -3.99
N GLY A 56 8.01 -6.15 -5.25
CA GLY A 56 8.73 -7.33 -5.65
C GLY A 56 8.06 -8.01 -6.86
N PRO A 57 8.78 -9.03 -7.41
CA PRO A 57 8.26 -9.76 -8.56
C PRO A 57 7.14 -10.71 -8.14
N SER A 58 7.36 -11.37 -7.02
CA SER A 58 6.38 -12.31 -6.50
C SER A 58 5.85 -11.82 -5.15
N SER A 59 4.57 -11.44 -5.16
CA SER A 59 3.93 -10.95 -3.95
C SER A 59 3.97 -12.04 -2.87
N GLY A 60 4.58 -11.69 -1.75
CA GLY A 60 4.69 -12.62 -0.63
C GLY A 60 4.14 -12.00 0.65
N GLY A 1 8.38 1.88 22.17
CA GLY A 1 8.83 1.38 20.88
C GLY A 1 9.20 2.54 19.96
N SER A 2 9.46 2.19 18.70
CA SER A 2 9.83 3.18 17.71
C SER A 2 8.62 3.53 16.85
N SER A 3 8.07 2.52 16.20
CA SER A 3 6.90 2.71 15.36
C SER A 3 5.74 1.86 15.87
N GLY A 4 4.54 2.28 15.49
CA GLY A 4 3.34 1.57 15.90
C GLY A 4 3.02 0.42 14.94
N SER A 5 2.01 -0.35 15.33
CA SER A 5 1.60 -1.48 14.50
C SER A 5 0.25 -2.02 15.00
N SER A 6 0.23 -2.39 16.27
CA SER A 6 -0.98 -2.92 16.87
C SER A 6 -1.45 -4.15 16.10
N GLY A 7 -0.88 -5.30 16.45
CA GLY A 7 -1.23 -6.54 15.80
C GLY A 7 -0.69 -6.59 14.37
N LYS A 8 -1.59 -6.45 13.41
CA LYS A 8 -1.21 -6.48 12.01
C LYS A 8 -2.45 -6.19 11.15
N VAL A 9 -2.39 -5.06 10.47
CA VAL A 9 -3.48 -4.64 9.62
C VAL A 9 -3.59 -5.60 8.43
N LYS A 10 -4.78 -6.15 8.24
CA LYS A 10 -5.02 -7.07 7.15
C LYS A 10 -5.72 -6.35 6.00
N TRP A 11 -4.99 -6.24 4.90
CA TRP A 11 -5.53 -5.56 3.72
C TRP A 11 -6.38 -6.57 2.95
N THR A 12 -7.08 -6.06 1.95
CA THR A 12 -7.95 -6.89 1.13
C THR A 12 -7.57 -6.75 -0.34
N HIS A 13 -7.82 -7.81 -1.09
CA HIS A 13 -7.51 -7.82 -2.51
C HIS A 13 -7.99 -6.52 -3.15
N GLU A 14 -9.24 -6.17 -2.85
CA GLU A 14 -9.84 -4.96 -3.38
C GLU A 14 -8.86 -3.78 -3.21
N GLU A 15 -8.62 -3.43 -1.96
CA GLU A 15 -7.72 -2.33 -1.66
C GLU A 15 -6.37 -2.54 -2.36
N ASP A 16 -5.72 -3.63 -2.00
CA ASP A 16 -4.42 -3.95 -2.58
C ASP A 16 -4.46 -3.63 -4.08
N GLU A 17 -5.52 -4.09 -4.73
CA GLU A 17 -5.67 -3.86 -6.16
C GLU A 17 -5.80 -2.36 -6.45
N GLN A 18 -6.63 -1.71 -5.64
CA GLN A 18 -6.85 -0.28 -5.79
C GLN A 18 -5.52 0.48 -5.72
N LEU A 19 -4.81 0.26 -4.62
CA LEU A 19 -3.53 0.90 -4.41
C LEU A 19 -2.61 0.59 -5.59
N ARG A 20 -2.64 -0.66 -6.01
CA ARG A 20 -1.82 -1.10 -7.12
C ARG A 20 -2.08 -0.23 -8.36
N ALA A 21 -3.36 -0.10 -8.69
CA ALA A 21 -3.75 0.70 -9.83
C ALA A 21 -3.49 2.18 -9.53
N LEU A 22 -3.86 2.57 -8.32
CA LEU A 22 -3.67 3.95 -7.90
C LEU A 22 -2.21 4.36 -8.15
N VAL A 23 -1.31 3.42 -7.90
CA VAL A 23 0.10 3.67 -8.09
C VAL A 23 0.36 4.03 -9.55
N ARG A 24 0.10 3.08 -10.42
CA ARG A 24 0.31 3.28 -11.85
C ARG A 24 -0.56 4.45 -12.34
N GLN A 25 -1.70 4.61 -11.69
CA GLN A 25 -2.62 5.68 -12.06
C GLN A 25 -1.85 6.98 -12.29
N PHE A 26 -1.26 7.48 -11.22
CA PHE A 26 -0.49 8.71 -11.29
C PHE A 26 0.99 8.46 -10.97
N GLY A 27 1.21 7.75 -9.87
CA GLY A 27 2.56 7.44 -9.45
C GLY A 27 2.63 7.25 -7.93
N GLN A 28 3.20 6.12 -7.53
CA GLN A 28 3.33 5.81 -6.12
C GLN A 28 4.10 6.91 -5.40
N GLN A 29 4.92 7.62 -6.16
CA GLN A 29 5.71 8.71 -5.61
C GLN A 29 4.86 9.53 -4.64
N ASP A 30 3.70 9.94 -5.11
CA ASP A 30 2.80 10.74 -4.30
C ASP A 30 1.86 9.80 -3.52
N TRP A 31 2.34 9.37 -2.36
CA TRP A 31 1.56 8.47 -1.52
C TRP A 31 0.54 9.31 -0.76
N LYS A 32 1.04 10.37 -0.13
CA LYS A 32 0.19 11.26 0.64
C LYS A 32 -1.14 11.45 -0.10
N PHE A 33 -1.05 11.50 -1.42
CA PHE A 33 -2.23 11.67 -2.25
C PHE A 33 -2.99 10.35 -2.41
N LEU A 34 -2.25 9.32 -2.79
CA LEU A 34 -2.84 8.01 -2.98
C LEU A 34 -3.64 7.62 -1.74
N ALA A 35 -3.00 7.81 -0.58
CA ALA A 35 -3.64 7.49 0.69
C ALA A 35 -5.00 8.19 0.75
N SER A 36 -5.05 9.38 0.17
CA SER A 36 -6.27 10.16 0.17
C SER A 36 -7.45 9.28 -0.25
N HIS A 37 -7.17 8.37 -1.16
CA HIS A 37 -8.20 7.46 -1.65
C HIS A 37 -8.68 6.57 -0.51
N PHE A 38 -7.74 6.21 0.35
CA PHE A 38 -8.07 5.36 1.50
C PHE A 38 -8.10 6.18 2.79
N PRO A 39 -9.32 6.25 3.40
CA PRO A 39 -9.49 6.99 4.63
C PRO A 39 -8.90 6.23 5.82
N ASN A 40 -9.49 5.07 6.10
CA ASN A 40 -9.03 4.24 7.20
C ASN A 40 -7.52 4.10 7.13
N ARG A 41 -7.03 3.81 5.94
CA ARG A 41 -5.59 3.65 5.73
C ARG A 41 -4.91 5.02 5.72
N THR A 42 -3.63 4.99 5.37
CA THR A 42 -2.85 6.22 5.31
C THR A 42 -1.69 6.07 4.32
N ASP A 43 -0.84 7.09 4.29
CA ASP A 43 0.29 7.08 3.39
C ASP A 43 1.30 6.03 3.85
N GLN A 44 1.70 6.14 5.10
CA GLN A 44 2.66 5.21 5.68
C GLN A 44 2.19 3.77 5.44
N GLN A 45 0.95 3.51 5.82
CA GLN A 45 0.37 2.18 5.65
C GLN A 45 0.42 1.77 4.18
N CYS A 46 -0.07 2.66 3.33
CA CYS A 46 -0.10 2.41 1.91
C CYS A 46 1.32 2.04 1.46
N GLN A 47 2.22 3.00 1.60
CA GLN A 47 3.60 2.78 1.22
C GLN A 47 4.14 1.51 1.85
N TYR A 48 3.86 1.36 3.15
CA TYR A 48 4.32 0.19 3.88
C TYR A 48 3.75 -1.09 3.27
N ARG A 49 2.43 -1.21 3.33
CA ARG A 49 1.76 -2.38 2.78
C ARG A 49 2.25 -2.66 1.37
N TRP A 50 2.67 -1.60 0.69
CA TRP A 50 3.16 -1.71 -0.67
C TRP A 50 4.59 -2.23 -0.61
N LEU A 51 5.46 -1.43 0.02
CA LEU A 51 6.85 -1.80 0.14
C LEU A 51 6.96 -3.10 0.95
N ARG A 52 5.84 -3.51 1.50
CA ARG A 52 5.79 -4.72 2.30
C ARG A 52 5.16 -5.87 1.49
N VAL A 53 4.04 -5.54 0.85
CA VAL A 53 3.33 -6.52 0.04
C VAL A 53 3.49 -6.16 -1.44
N LEU A 54 2.98 -4.99 -1.79
CA LEU A 54 3.05 -4.52 -3.15
C LEU A 54 4.47 -4.04 -3.45
N SER A 55 5.39 -5.01 -3.49
CA SER A 55 6.78 -4.70 -3.76
C SER A 55 7.45 -5.87 -4.49
N GLY A 56 7.48 -5.76 -5.81
CA GLY A 56 8.07 -6.80 -6.63
C GLY A 56 7.26 -7.02 -7.91
N PRO A 57 7.95 -7.58 -8.94
CA PRO A 57 7.31 -7.85 -10.21
C PRO A 57 6.39 -9.07 -10.11
N SER A 58 5.72 -9.35 -11.22
CA SER A 58 4.81 -10.49 -11.28
C SER A 58 5.45 -11.63 -12.06
N SER A 59 4.94 -12.83 -11.81
CA SER A 59 5.45 -14.01 -12.49
C SER A 59 5.40 -13.81 -14.01
N GLY A 60 6.38 -14.38 -14.68
CA GLY A 60 6.45 -14.28 -16.13
C GLY A 60 5.09 -14.52 -16.76
N GLY A 1 13.54 3.03 10.14
CA GLY A 1 14.47 2.03 10.64
C GLY A 1 15.13 1.27 9.48
N SER A 2 14.75 0.01 9.34
CA SER A 2 15.30 -0.83 8.29
C SER A 2 14.72 -2.23 8.39
N SER A 3 14.21 -2.72 7.27
CA SER A 3 13.63 -4.06 7.22
C SER A 3 12.49 -4.16 8.23
N GLY A 4 11.67 -5.19 8.04
CA GLY A 4 10.54 -5.41 8.92
C GLY A 4 10.26 -6.91 9.07
N SER A 5 8.98 -7.23 9.18
CA SER A 5 8.56 -8.61 9.33
C SER A 5 7.16 -8.81 8.74
N SER A 6 6.22 -8.03 9.26
CA SER A 6 4.84 -8.11 8.79
C SER A 6 4.03 -6.95 9.37
N GLY A 7 2.94 -6.64 8.69
CA GLY A 7 2.08 -5.55 9.13
C GLY A 7 0.99 -6.07 10.08
N LYS A 8 0.20 -5.14 10.58
CA LYS A 8 -0.87 -5.48 11.51
C LYS A 8 -2.21 -5.42 10.78
N VAL A 9 -2.54 -4.21 10.34
CA VAL A 9 -3.80 -4.00 9.63
C VAL A 9 -4.02 -5.14 8.65
N LYS A 10 -5.27 -5.28 8.22
CA LYS A 10 -5.63 -6.32 7.29
C LYS A 10 -6.03 -5.69 5.95
N TRP A 11 -5.42 -6.18 4.89
CA TRP A 11 -5.69 -5.68 3.55
C TRP A 11 -6.36 -6.81 2.75
N THR A 12 -7.18 -6.41 1.80
CA THR A 12 -7.87 -7.37 0.95
C THR A 12 -7.50 -7.16 -0.51
N HIS A 13 -7.92 -8.09 -1.35
CA HIS A 13 -7.64 -8.03 -2.77
C HIS A 13 -8.20 -6.73 -3.34
N GLU A 14 -9.16 -6.17 -2.61
CA GLU A 14 -9.79 -4.92 -3.03
C GLU A 14 -8.79 -3.76 -2.93
N GLU A 15 -8.45 -3.44 -1.69
CA GLU A 15 -7.52 -2.35 -1.43
C GLU A 15 -6.28 -2.50 -2.32
N ASP A 16 -5.56 -3.60 -2.11
CA ASP A 16 -4.36 -3.87 -2.87
C ASP A 16 -4.61 -3.50 -4.34
N GLU A 17 -5.64 -4.12 -4.90
CA GLU A 17 -5.99 -3.86 -6.29
C GLU A 17 -5.97 -2.36 -6.58
N GLN A 18 -6.72 -1.63 -5.76
CA GLN A 18 -6.80 -0.18 -5.91
C GLN A 18 -5.40 0.44 -5.87
N LEU A 19 -4.82 0.45 -4.69
CA LEU A 19 -3.50 1.00 -4.50
C LEU A 19 -2.61 0.61 -5.69
N ARG A 20 -2.67 -0.67 -6.03
CA ARG A 20 -1.88 -1.18 -7.14
C ARG A 20 -2.11 -0.32 -8.39
N ALA A 21 -3.38 -0.10 -8.69
CA ALA A 21 -3.75 0.69 -9.85
C ALA A 21 -3.46 2.16 -9.56
N LEU A 22 -3.91 2.62 -8.40
CA LEU A 22 -3.70 4.00 -7.99
C LEU A 22 -2.24 4.36 -8.20
N VAL A 23 -1.37 3.41 -7.91
CA VAL A 23 0.06 3.63 -8.06
C VAL A 23 0.37 3.98 -9.52
N ARG A 24 0.13 3.01 -10.39
CA ARG A 24 0.37 3.20 -11.81
C ARG A 24 -0.46 4.37 -12.33
N GLN A 25 -1.63 4.54 -11.74
CA GLN A 25 -2.52 5.63 -12.14
C GLN A 25 -1.72 6.92 -12.35
N PHE A 26 -1.18 7.43 -11.26
CA PHE A 26 -0.40 8.65 -11.31
C PHE A 26 1.06 8.39 -10.96
N GLY A 27 1.26 7.67 -9.86
CA GLY A 27 2.60 7.34 -9.41
C GLY A 27 2.64 7.16 -7.89
N GLN A 28 3.19 6.03 -7.47
CA GLN A 28 3.30 5.73 -6.05
C GLN A 28 4.08 6.83 -5.33
N GLN A 29 4.92 7.51 -6.10
CA GLN A 29 5.74 8.58 -5.55
C GLN A 29 4.89 9.46 -4.61
N ASP A 30 3.70 9.80 -5.07
CA ASP A 30 2.81 10.63 -4.28
C ASP A 30 1.86 9.72 -3.49
N TRP A 31 2.34 9.27 -2.34
CA TRP A 31 1.55 8.41 -1.48
C TRP A 31 0.55 9.29 -0.72
N LYS A 32 1.06 10.37 -0.16
CA LYS A 32 0.23 11.29 0.59
C LYS A 32 -1.12 11.45 -0.12
N PHE A 33 -1.05 11.54 -1.44
CA PHE A 33 -2.25 11.69 -2.25
C PHE A 33 -2.99 10.37 -2.38
N LEU A 34 -2.24 9.34 -2.75
CA LEU A 34 -2.82 8.01 -2.91
C LEU A 34 -3.60 7.65 -1.65
N ALA A 35 -2.94 7.79 -0.51
CA ALA A 35 -3.55 7.47 0.76
C ALA A 35 -4.94 8.11 0.82
N SER A 36 -5.02 9.32 0.28
CA SER A 36 -6.28 10.05 0.27
C SER A 36 -7.43 9.09 -0.04
N HIS A 37 -7.28 8.37 -1.14
CA HIS A 37 -8.30 7.42 -1.55
C HIS A 37 -8.79 6.62 -0.34
N PHE A 38 -7.83 6.21 0.48
CA PHE A 38 -8.15 5.45 1.67
C PHE A 38 -8.18 6.35 2.91
N PRO A 39 -9.38 6.42 3.54
CA PRO A 39 -9.56 7.24 4.73
C PRO A 39 -8.93 6.57 5.94
N ASN A 40 -9.29 5.31 6.15
CA ASN A 40 -8.77 4.55 7.27
C ASN A 40 -7.25 4.44 7.15
N ARG A 41 -6.81 3.95 6.00
CA ARG A 41 -5.39 3.79 5.74
C ARG A 41 -4.71 5.15 5.72
N THR A 42 -3.43 5.13 5.34
CA THR A 42 -2.65 6.36 5.27
C THR A 42 -1.46 6.17 4.33
N ASP A 43 -0.75 7.28 4.12
CA ASP A 43 0.42 7.24 3.25
C ASP A 43 1.37 6.15 3.72
N GLN A 44 1.70 6.20 5.01
CA GLN A 44 2.61 5.23 5.59
C GLN A 44 2.09 3.81 5.35
N GLN A 45 0.91 3.55 5.93
CA GLN A 45 0.30 2.23 5.79
C GLN A 45 0.32 1.80 4.33
N CYS A 46 -0.05 2.71 3.45
CA CYS A 46 -0.08 2.44 2.02
C CYS A 46 1.33 2.05 1.58
N GLN A 47 2.22 3.04 1.62
CA GLN A 47 3.60 2.81 1.24
C GLN A 47 4.13 1.52 1.87
N TYR A 48 3.82 1.36 3.15
CA TYR A 48 4.26 0.19 3.89
C TYR A 48 3.71 -1.08 3.26
N ARG A 49 2.40 -1.23 3.32
CA ARG A 49 1.73 -2.40 2.75
C ARG A 49 2.25 -2.66 1.34
N TRP A 50 2.68 -1.59 0.69
CA TRP A 50 3.20 -1.69 -0.67
C TRP A 50 4.64 -2.20 -0.59
N LEU A 51 5.47 -1.40 0.06
CA LEU A 51 6.88 -1.75 0.21
C LEU A 51 6.99 -3.05 1.01
N ARG A 52 5.85 -3.49 1.54
CA ARG A 52 5.81 -4.71 2.32
C ARG A 52 5.20 -5.84 1.49
N VAL A 53 4.08 -5.53 0.84
CA VAL A 53 3.40 -6.52 0.02
C VAL A 53 3.57 -6.15 -1.45
N LEU A 54 3.06 -4.98 -1.81
CA LEU A 54 3.15 -4.50 -3.18
C LEU A 54 4.58 -4.03 -3.45
N SER A 55 5.49 -4.99 -3.46
CA SER A 55 6.89 -4.69 -3.71
C SER A 55 7.56 -5.85 -4.45
N GLY A 56 7.66 -5.70 -5.77
CA GLY A 56 8.27 -6.73 -6.59
C GLY A 56 7.92 -6.52 -8.06
N PRO A 57 8.53 -7.37 -8.93
CA PRO A 57 8.30 -7.30 -10.36
C PRO A 57 6.93 -7.88 -10.71
N SER A 58 6.59 -7.76 -12.00
CA SER A 58 5.31 -8.27 -12.48
C SER A 58 5.43 -8.66 -13.95
N SER A 59 5.83 -7.69 -14.76
CA SER A 59 5.99 -7.93 -16.19
C SER A 59 6.85 -6.82 -16.80
N GLY A 60 8.16 -7.03 -16.72
CA GLY A 60 9.10 -6.06 -17.27
C GLY A 60 10.41 -6.74 -17.66
N GLY A 1 10.03 -13.42 18.08
CA GLY A 1 9.62 -12.09 18.48
C GLY A 1 10.64 -11.05 18.01
N SER A 2 10.41 -10.53 16.81
CA SER A 2 11.30 -9.53 16.24
C SER A 2 10.51 -8.61 15.31
N SER A 3 11.14 -7.49 14.96
CA SER A 3 10.51 -6.52 14.07
C SER A 3 9.30 -5.89 14.77
N GLY A 4 8.26 -6.69 14.92
CA GLY A 4 7.04 -6.22 15.56
C GLY A 4 6.08 -7.37 15.81
N SER A 5 5.33 -7.25 16.89
CA SER A 5 4.36 -8.27 17.27
C SER A 5 3.02 -7.63 17.60
N SER A 6 1.96 -8.25 17.10
CA SER A 6 0.62 -7.76 17.34
C SER A 6 0.44 -6.39 16.67
N GLY A 7 -0.64 -6.27 15.91
CA GLY A 7 -0.94 -5.04 15.20
C GLY A 7 -1.09 -5.28 13.70
N LYS A 8 -0.83 -4.23 12.94
CA LYS A 8 -0.93 -4.31 11.49
C LYS A 8 -2.39 -4.58 11.10
N VAL A 9 -2.81 -3.91 10.03
CA VAL A 9 -4.18 -4.06 9.55
C VAL A 9 -4.24 -5.25 8.59
N LYS A 10 -5.44 -5.50 8.10
CA LYS A 10 -5.65 -6.59 7.17
C LYS A 10 -6.21 -6.05 5.86
N TRP A 11 -5.32 -5.97 4.86
CA TRP A 11 -5.71 -5.46 3.55
C TRP A 11 -6.33 -6.61 2.77
N THR A 12 -7.13 -6.25 1.78
CA THR A 12 -7.79 -7.24 0.94
C THR A 12 -7.46 -6.99 -0.53
N HIS A 13 -7.72 -8.02 -1.33
CA HIS A 13 -7.45 -7.94 -2.76
C HIS A 13 -7.89 -6.57 -3.28
N GLU A 14 -9.13 -6.23 -2.97
CA GLU A 14 -9.69 -4.96 -3.39
C GLU A 14 -8.72 -3.82 -3.07
N GLU A 15 -8.47 -3.64 -1.78
CA GLU A 15 -7.56 -2.60 -1.33
C GLU A 15 -6.22 -2.69 -2.08
N ASP A 16 -5.61 -3.87 -1.99
CA ASP A 16 -4.34 -4.09 -2.65
C ASP A 16 -4.44 -3.65 -4.11
N GLU A 17 -5.43 -4.20 -4.80
CA GLU A 17 -5.64 -3.86 -6.20
C GLU A 17 -5.77 -2.34 -6.37
N GLN A 18 -6.54 -1.75 -5.47
CA GLN A 18 -6.77 -0.31 -5.51
C GLN A 18 -5.43 0.43 -5.51
N LEU A 19 -4.63 0.15 -4.49
CA LEU A 19 -3.33 0.77 -4.37
C LEU A 19 -2.49 0.48 -5.62
N ARG A 20 -2.53 -0.78 -6.02
CA ARG A 20 -1.79 -1.21 -7.21
C ARG A 20 -2.07 -0.27 -8.38
N ALA A 21 -3.35 -0.05 -8.63
CA ALA A 21 -3.76 0.82 -9.71
C ALA A 21 -3.42 2.28 -9.35
N LEU A 22 -3.89 2.69 -8.18
CA LEU A 22 -3.64 4.03 -7.71
C LEU A 22 -2.18 4.41 -7.97
N VAL A 23 -1.32 3.39 -7.89
CA VAL A 23 0.10 3.59 -8.12
C VAL A 23 0.34 3.97 -9.58
N ARG A 24 0.00 3.05 -10.46
CA ARG A 24 0.16 3.26 -11.89
C ARG A 24 -0.66 4.47 -12.33
N GLN A 25 -1.78 4.67 -11.66
CA GLN A 25 -2.66 5.79 -11.98
C GLN A 25 -1.84 7.06 -12.19
N PHE A 26 -1.24 7.52 -11.11
CA PHE A 26 -0.42 8.73 -11.17
C PHE A 26 1.04 8.41 -10.86
N GLY A 27 1.24 7.69 -9.77
CA GLY A 27 2.58 7.31 -9.34
C GLY A 27 2.68 7.28 -7.82
N GLN A 28 3.22 6.18 -7.32
CA GLN A 28 3.38 6.00 -5.88
C GLN A 28 4.18 7.17 -5.30
N GLN A 29 4.88 7.86 -6.18
CA GLN A 29 5.69 8.99 -5.76
C GLN A 29 4.97 9.78 -4.67
N ASP A 30 3.70 10.05 -4.91
CA ASP A 30 2.89 10.80 -3.95
C ASP A 30 1.90 9.84 -3.29
N TRP A 31 2.27 9.37 -2.11
CA TRP A 31 1.42 8.45 -1.36
C TRP A 31 0.34 9.29 -0.66
N LYS A 32 0.78 10.40 -0.10
CA LYS A 32 -0.14 11.29 0.61
C LYS A 32 -1.46 11.38 -0.16
N PHE A 33 -1.33 11.51 -1.47
CA PHE A 33 -2.49 11.59 -2.33
C PHE A 33 -3.20 10.25 -2.45
N LEU A 34 -2.40 9.21 -2.65
CA LEU A 34 -2.94 7.86 -2.77
C LEU A 34 -3.70 7.50 -1.49
N ALA A 35 -3.02 7.67 -0.37
CA ALA A 35 -3.63 7.37 0.92
C ALA A 35 -4.92 8.18 1.08
N SER A 36 -4.88 9.38 0.53
CA SER A 36 -6.04 10.26 0.60
C SER A 36 -7.20 9.67 -0.20
N HIS A 37 -6.84 8.95 -1.25
CA HIS A 37 -7.84 8.33 -2.11
C HIS A 37 -8.59 7.25 -1.32
N PHE A 38 -7.92 6.72 -0.31
CA PHE A 38 -8.51 5.68 0.52
C PHE A 38 -9.25 6.30 1.72
N PRO A 39 -10.09 5.45 2.37
CA PRO A 39 -10.86 5.90 3.52
C PRO A 39 -9.97 6.02 4.76
N ASN A 40 -9.87 4.92 5.49
CA ASN A 40 -9.06 4.90 6.69
C ASN A 40 -7.68 4.34 6.35
N ARG A 41 -6.87 5.19 5.73
CA ARG A 41 -5.52 4.81 5.34
C ARG A 41 -4.59 6.01 5.40
N THR A 42 -3.30 5.73 5.28
CA THR A 42 -2.30 6.78 5.31
C THR A 42 -1.12 6.42 4.40
N ASP A 43 -0.50 7.45 3.87
CA ASP A 43 0.65 7.26 2.98
C ASP A 43 1.53 6.14 3.53
N GLN A 44 1.74 6.18 4.84
CA GLN A 44 2.56 5.19 5.50
C GLN A 44 2.02 3.79 5.23
N GLN A 45 0.81 3.55 5.72
CA GLN A 45 0.16 2.26 5.54
C GLN A 45 0.28 1.81 4.08
N CYS A 46 -0.10 2.70 3.18
CA CYS A 46 -0.04 2.42 1.76
C CYS A 46 1.39 2.04 1.40
N GLN A 47 2.27 3.03 1.44
CA GLN A 47 3.67 2.81 1.12
C GLN A 47 4.16 1.52 1.78
N TYR A 48 3.78 1.35 3.03
CA TYR A 48 4.18 0.18 3.78
C TYR A 48 3.61 -1.09 3.15
N ARG A 49 2.30 -1.23 3.25
CA ARG A 49 1.62 -2.39 2.70
C ARG A 49 2.15 -2.69 1.30
N TRP A 50 2.61 -1.64 0.63
CA TRP A 50 3.15 -1.79 -0.71
C TRP A 50 4.57 -2.32 -0.59
N LEU A 51 5.42 -1.55 0.06
CA LEU A 51 6.80 -1.93 0.25
C LEU A 51 6.86 -3.22 1.08
N ARG A 52 5.71 -3.61 1.59
CA ARG A 52 5.60 -4.82 2.39
C ARG A 52 4.98 -5.95 1.59
N VAL A 53 3.88 -5.62 0.91
CA VAL A 53 3.18 -6.60 0.10
C VAL A 53 3.39 -6.28 -1.38
N LEU A 54 2.91 -5.10 -1.76
CA LEU A 54 3.04 -4.66 -3.14
C LEU A 54 4.47 -4.22 -3.41
N SER A 55 5.37 -5.19 -3.38
CA SER A 55 6.78 -4.93 -3.61
C SER A 55 7.27 -5.74 -4.80
N GLY A 56 7.82 -5.03 -5.78
CA GLY A 56 8.34 -5.66 -6.98
C GLY A 56 9.30 -6.81 -6.62
N PRO A 57 9.42 -7.77 -7.57
CA PRO A 57 10.29 -8.92 -7.36
C PRO A 57 11.76 -8.52 -7.53
N SER A 58 12.52 -8.76 -6.48
CA SER A 58 13.94 -8.43 -6.50
C SER A 58 14.75 -9.57 -5.89
N SER A 59 15.20 -10.48 -6.75
CA SER A 59 15.97 -11.62 -6.30
C SER A 59 17.40 -11.18 -5.96
N GLY A 60 17.61 -10.85 -4.70
CA GLY A 60 18.91 -10.41 -4.24
C GLY A 60 18.99 -8.89 -4.19
N GLY A 1 13.58 -12.64 5.75
CA GLY A 1 12.89 -11.63 4.96
C GLY A 1 11.70 -12.22 4.23
N SER A 2 10.68 -12.58 5.00
CA SER A 2 9.47 -13.17 4.45
C SER A 2 8.35 -12.13 4.41
N SER A 3 7.28 -12.48 3.71
CA SER A 3 6.14 -11.59 3.60
C SER A 3 4.84 -12.38 3.74
N GLY A 4 4.08 -12.02 4.77
CA GLY A 4 2.82 -12.69 5.03
C GLY A 4 2.44 -12.59 6.51
N SER A 5 3.19 -13.31 7.33
CA SER A 5 2.95 -13.32 8.76
C SER A 5 3.43 -12.01 9.37
N SER A 6 2.97 -11.76 10.59
CA SER A 6 3.33 -10.54 11.30
C SER A 6 2.94 -9.32 10.47
N GLY A 7 1.88 -8.65 10.92
CA GLY A 7 1.40 -7.46 10.23
C GLY A 7 0.83 -6.45 11.23
N LYS A 8 -0.12 -5.67 10.75
CA LYS A 8 -0.76 -4.66 11.57
C LYS A 8 -2.20 -4.46 11.12
N VAL A 9 -2.34 -3.98 9.89
CA VAL A 9 -3.66 -3.74 9.32
C VAL A 9 -3.96 -4.80 8.26
N LYS A 10 -5.20 -5.28 8.27
CA LYS A 10 -5.61 -6.29 7.33
C LYS A 10 -6.05 -5.61 6.02
N TRP A 11 -5.32 -5.93 4.96
CA TRP A 11 -5.62 -5.35 3.66
C TRP A 11 -6.34 -6.42 2.83
N THR A 12 -7.22 -5.96 1.96
CA THR A 12 -7.98 -6.86 1.11
C THR A 12 -7.64 -6.62 -0.37
N HIS A 13 -7.83 -7.66 -1.16
CA HIS A 13 -7.54 -7.57 -2.59
C HIS A 13 -8.02 -6.21 -3.12
N GLU A 14 -9.27 -5.91 -2.83
CA GLU A 14 -9.85 -4.64 -3.27
C GLU A 14 -8.87 -3.49 -3.04
N GLU A 15 -8.40 -3.41 -1.80
CA GLU A 15 -7.46 -2.36 -1.44
C GLU A 15 -6.12 -2.57 -2.14
N ASP A 16 -5.62 -3.80 -2.04
CA ASP A 16 -4.36 -4.13 -2.66
C ASP A 16 -4.36 -3.68 -4.12
N GLU A 17 -5.34 -4.18 -4.86
CA GLU A 17 -5.48 -3.83 -6.26
C GLU A 17 -5.63 -2.32 -6.42
N GLN A 18 -6.48 -1.75 -5.57
CA GLN A 18 -6.72 -0.32 -5.60
C GLN A 18 -5.39 0.44 -5.58
N LEU A 19 -4.60 0.18 -4.55
CA LEU A 19 -3.32 0.84 -4.40
C LEU A 19 -2.46 0.54 -5.62
N ARG A 20 -2.46 -0.73 -6.01
CA ARG A 20 -1.68 -1.17 -7.15
C ARG A 20 -1.97 -0.29 -8.36
N ALA A 21 -3.26 -0.09 -8.62
CA ALA A 21 -3.68 0.73 -9.74
C ALA A 21 -3.45 2.21 -9.40
N LEU A 22 -3.95 2.60 -8.24
CA LEU A 22 -3.80 3.97 -7.79
C LEU A 22 -2.35 4.41 -7.97
N VAL A 23 -1.45 3.43 -7.89
CA VAL A 23 -0.03 3.69 -8.05
C VAL A 23 0.26 4.07 -9.51
N ARG A 24 -0.01 3.12 -10.39
CA ARG A 24 0.22 3.33 -11.81
C ARG A 24 -0.61 4.51 -12.31
N GLN A 25 -1.79 4.67 -11.71
CA GLN A 25 -2.68 5.75 -12.09
C GLN A 25 -1.90 7.05 -12.26
N PHE A 26 -1.37 7.54 -11.15
CA PHE A 26 -0.60 8.77 -11.17
C PHE A 26 0.87 8.50 -10.86
N GLY A 27 1.09 7.76 -9.79
CA GLY A 27 2.44 7.43 -9.37
C GLY A 27 2.53 7.29 -7.85
N GLN A 28 3.09 6.17 -7.42
CA GLN A 28 3.24 5.91 -6.00
C GLN A 28 4.01 7.05 -5.32
N GLN A 29 4.75 7.79 -6.14
CA GLN A 29 5.54 8.91 -5.63
C GLN A 29 4.68 9.77 -4.69
N ASP A 30 3.44 9.98 -5.09
CA ASP A 30 2.52 10.77 -4.30
C ASP A 30 1.60 9.83 -3.50
N TRP A 31 2.15 9.29 -2.42
CA TRP A 31 1.40 8.38 -1.58
C TRP A 31 0.32 9.21 -0.85
N LYS A 32 0.75 10.31 -0.26
CA LYS A 32 -0.16 11.18 0.46
C LYS A 32 -1.48 11.27 -0.30
N PHE A 33 -1.36 11.47 -1.61
CA PHE A 33 -2.55 11.58 -2.45
C PHE A 33 -3.27 10.23 -2.56
N LEU A 34 -2.47 9.18 -2.71
CA LEU A 34 -3.01 7.83 -2.83
C LEU A 34 -3.79 7.50 -1.56
N ALA A 35 -3.09 7.52 -0.44
CA ALA A 35 -3.70 7.21 0.84
C ALA A 35 -5.01 7.99 0.97
N SER A 36 -4.91 9.28 0.70
CA SER A 36 -6.07 10.16 0.79
C SER A 36 -7.22 9.60 -0.07
N HIS A 37 -6.82 8.88 -1.11
CA HIS A 37 -7.80 8.28 -2.02
C HIS A 37 -8.55 7.17 -1.29
N PHE A 38 -7.88 6.60 -0.30
CA PHE A 38 -8.49 5.53 0.48
C PHE A 38 -9.25 6.08 1.68
N PRO A 39 -10.12 5.21 2.26
CA PRO A 39 -10.90 5.60 3.42
C PRO A 39 -10.04 5.63 4.68
N ASN A 40 -9.99 4.49 5.35
CA ASN A 40 -9.21 4.37 6.57
C ASN A 40 -7.81 3.87 6.23
N ARG A 41 -7.02 4.77 5.66
CA ARG A 41 -5.65 4.43 5.28
C ARG A 41 -4.74 5.65 5.41
N THR A 42 -3.47 5.43 5.15
CA THR A 42 -2.48 6.49 5.24
C THR A 42 -1.27 6.17 4.38
N ASP A 43 -0.63 7.22 3.90
CA ASP A 43 0.56 7.06 3.06
C ASP A 43 1.43 5.94 3.63
N GLN A 44 1.63 5.99 4.95
CA GLN A 44 2.44 4.98 5.61
C GLN A 44 1.90 3.59 5.30
N GLN A 45 0.65 3.37 5.69
CA GLN A 45 0.01 2.08 5.47
C GLN A 45 0.17 1.66 4.01
N CYS A 46 -0.10 2.61 3.12
CA CYS A 46 0.00 2.35 1.69
C CYS A 46 1.45 1.97 1.37
N GLN A 47 2.32 2.97 1.46
CA GLN A 47 3.73 2.77 1.19
C GLN A 47 4.22 1.47 1.85
N TYR A 48 3.94 1.37 3.15
CA TYR A 48 4.34 0.20 3.90
C TYR A 48 3.74 -1.07 3.30
N ARG A 49 2.41 -1.14 3.32
CA ARG A 49 1.72 -2.29 2.78
C ARG A 49 2.22 -2.61 1.37
N TRP A 50 2.74 -1.57 0.72
CA TRP A 50 3.25 -1.73 -0.63
C TRP A 50 4.68 -2.28 -0.54
N LEU A 51 5.53 -1.50 0.10
CA LEU A 51 6.92 -1.90 0.27
C LEU A 51 6.98 -3.19 1.08
N ARG A 52 5.83 -3.57 1.62
CA ARG A 52 5.74 -4.78 2.42
C ARG A 52 5.09 -5.90 1.61
N VAL A 53 3.99 -5.57 0.95
CA VAL A 53 3.27 -6.54 0.14
C VAL A 53 3.44 -6.19 -1.34
N LEU A 54 2.96 -5.01 -1.70
CA LEU A 54 3.05 -4.54 -3.07
C LEU A 54 4.49 -4.10 -3.35
N SER A 55 5.38 -5.08 -3.36
CA SER A 55 6.79 -4.80 -3.62
C SER A 55 7.29 -5.68 -4.77
N GLY A 56 8.33 -5.18 -5.44
CA GLY A 56 8.91 -5.91 -6.55
C GLY A 56 8.01 -5.83 -7.79
N PRO A 57 8.29 -6.73 -8.77
CA PRO A 57 7.52 -6.78 -9.99
C PRO A 57 6.15 -7.42 -9.76
N SER A 58 5.30 -7.33 -10.78
CA SER A 58 3.97 -7.90 -10.69
C SER A 58 3.97 -9.33 -11.19
N SER A 59 3.46 -10.22 -10.36
CA SER A 59 3.40 -11.63 -10.71
C SER A 59 4.82 -12.18 -10.91
N GLY A 60 5.39 -12.68 -9.83
CA GLY A 60 6.73 -13.24 -9.87
C GLY A 60 7.78 -12.13 -9.75
N GLY A 1 20.17 -3.09 11.12
CA GLY A 1 19.77 -4.47 11.10
C GLY A 1 18.41 -4.65 10.39
N SER A 2 18.11 -5.90 10.07
CA SER A 2 16.86 -6.21 9.40
C SER A 2 16.07 -7.23 10.21
N SER A 3 14.86 -6.85 10.58
CA SER A 3 14.00 -7.71 11.35
C SER A 3 12.61 -7.08 11.50
N GLY A 4 11.61 -7.84 11.07
CA GLY A 4 10.23 -7.36 11.15
C GLY A 4 9.36 -8.04 10.10
N SER A 5 8.73 -9.13 10.51
CA SER A 5 7.86 -9.88 9.61
C SER A 5 6.50 -10.11 10.26
N SER A 6 5.65 -9.08 10.16
CA SER A 6 4.32 -9.17 10.74
C SER A 6 3.49 -7.95 10.32
N GLY A 7 2.18 -8.14 10.31
CA GLY A 7 1.28 -7.07 9.92
C GLY A 7 0.22 -6.83 11.00
N LYS A 8 -0.63 -5.86 10.75
CA LYS A 8 -1.68 -5.51 11.69
C LYS A 8 -3.02 -5.44 10.94
N VAL A 9 -3.12 -4.45 10.07
CA VAL A 9 -4.33 -4.26 9.28
C VAL A 9 -4.30 -5.18 8.07
N LYS A 10 -5.07 -6.26 8.17
CA LYS A 10 -5.14 -7.23 7.10
C LYS A 10 -5.84 -6.60 5.89
N TRP A 11 -5.04 -6.08 4.98
CA TRP A 11 -5.57 -5.45 3.78
C TRP A 11 -6.36 -6.50 3.00
N THR A 12 -7.14 -6.02 2.05
CA THR A 12 -7.96 -6.91 1.22
C THR A 12 -7.62 -6.71 -0.25
N HIS A 13 -7.81 -7.78 -1.01
CA HIS A 13 -7.54 -7.74 -2.45
C HIS A 13 -8.00 -6.41 -3.01
N GLU A 14 -9.26 -6.08 -2.75
CA GLU A 14 -9.83 -4.83 -3.22
C GLU A 14 -8.84 -3.68 -3.02
N GLU A 15 -8.49 -3.46 -1.77
CA GLU A 15 -7.55 -2.41 -1.43
C GLU A 15 -6.24 -2.57 -2.21
N ASP A 16 -5.61 -3.71 -2.01
CA ASP A 16 -4.36 -4.00 -2.69
C ASP A 16 -4.46 -3.55 -4.15
N GLU A 17 -5.40 -4.16 -4.85
CA GLU A 17 -5.61 -3.83 -6.26
C GLU A 17 -5.70 -2.32 -6.44
N GLN A 18 -6.48 -1.68 -5.57
CA GLN A 18 -6.65 -0.24 -5.62
C GLN A 18 -5.29 0.46 -5.62
N LEU A 19 -4.56 0.25 -4.55
CA LEU A 19 -3.24 0.84 -4.41
C LEU A 19 -2.41 0.56 -5.66
N ARG A 20 -2.42 -0.71 -6.05
CA ARG A 20 -1.68 -1.13 -7.23
C ARG A 20 -1.96 -0.18 -8.41
N ALA A 21 -3.24 0.01 -8.66
CA ALA A 21 -3.66 0.88 -9.75
C ALA A 21 -3.39 2.33 -9.36
N LEU A 22 -3.93 2.72 -8.21
CA LEU A 22 -3.75 4.07 -7.72
C LEU A 22 -2.29 4.50 -7.93
N VAL A 23 -1.41 3.53 -7.86
CA VAL A 23 0.01 3.80 -8.05
C VAL A 23 0.27 4.18 -9.51
N ARG A 24 -0.01 3.24 -10.40
CA ARG A 24 0.18 3.47 -11.82
C ARG A 24 -0.68 4.64 -12.28
N GLN A 25 -1.84 4.78 -11.65
CA GLN A 25 -2.75 5.85 -12.01
C GLN A 25 -1.98 7.17 -12.18
N PHE A 26 -1.43 7.65 -11.08
CA PHE A 26 -0.68 8.89 -11.10
C PHE A 26 0.80 8.64 -10.81
N GLY A 27 1.04 7.88 -9.75
CA GLY A 27 2.40 7.56 -9.35
C GLY A 27 2.50 7.35 -7.84
N GLN A 28 3.08 6.22 -7.46
CA GLN A 28 3.24 5.91 -6.05
C GLN A 28 3.99 7.03 -5.33
N GLN A 29 4.87 7.68 -6.07
CA GLN A 29 5.65 8.78 -5.51
C GLN A 29 4.78 9.62 -4.57
N ASP A 30 3.59 9.92 -5.05
CA ASP A 30 2.65 10.72 -4.26
C ASP A 30 1.74 9.80 -3.47
N TRP A 31 2.31 9.22 -2.42
CA TRP A 31 1.56 8.31 -1.57
C TRP A 31 0.52 9.13 -0.80
N LYS A 32 0.98 10.24 -0.25
CA LYS A 32 0.11 11.12 0.51
C LYS A 32 -1.26 11.20 -0.19
N PHE A 33 -1.21 11.50 -1.47
CA PHE A 33 -2.44 11.61 -2.26
C PHE A 33 -3.15 10.26 -2.35
N LEU A 34 -2.39 9.25 -2.72
CA LEU A 34 -2.94 7.90 -2.84
C LEU A 34 -3.78 7.59 -1.61
N ALA A 35 -3.11 7.53 -0.47
CA ALA A 35 -3.78 7.24 0.79
C ALA A 35 -5.12 7.97 0.82
N SER A 36 -5.08 9.22 0.39
CA SER A 36 -6.28 10.04 0.37
C SER A 36 -7.44 9.26 -0.25
N HIS A 37 -7.15 8.62 -1.37
CA HIS A 37 -8.15 7.84 -2.08
C HIS A 37 -8.78 6.83 -1.11
N PHE A 38 -7.94 6.32 -0.22
CA PHE A 38 -8.40 5.35 0.76
C PHE A 38 -9.00 6.05 1.98
N PRO A 39 -9.95 5.34 2.64
CA PRO A 39 -10.61 5.87 3.83
C PRO A 39 -9.68 5.81 5.04
N ASN A 40 -9.75 4.69 5.75
CA ASN A 40 -8.92 4.50 6.93
C ASN A 40 -7.54 3.99 6.51
N ARG A 41 -6.80 4.87 5.84
CA ARG A 41 -5.47 4.53 5.38
C ARG A 41 -4.57 5.77 5.36
N THR A 42 -3.28 5.54 5.18
CA THR A 42 -2.32 6.62 5.14
C THR A 42 -1.13 6.24 4.25
N ASP A 43 -0.46 7.27 3.75
CA ASP A 43 0.69 7.05 2.89
C ASP A 43 1.59 5.98 3.51
N GLN A 44 1.77 6.08 4.82
CA GLN A 44 2.60 5.14 5.53
C GLN A 44 2.08 3.71 5.32
N GLN A 45 0.81 3.53 5.64
CA GLN A 45 0.18 2.22 5.49
C GLN A 45 0.23 1.78 4.03
N CYS A 46 -0.10 2.72 3.15
CA CYS A 46 -0.10 2.43 1.72
C CYS A 46 1.32 2.03 1.31
N GLN A 47 2.24 2.96 1.50
CA GLN A 47 3.63 2.72 1.16
C GLN A 47 4.13 1.45 1.83
N TYR A 48 3.86 1.36 3.13
CA TYR A 48 4.28 0.20 3.90
C TYR A 48 3.69 -1.09 3.32
N ARG A 49 2.37 -1.17 3.35
CA ARG A 49 1.68 -2.34 2.83
C ARG A 49 2.19 -2.68 1.42
N TRP A 50 2.68 -1.65 0.74
CA TRP A 50 3.20 -1.82 -0.60
C TRP A 50 4.63 -2.37 -0.49
N LEU A 51 5.48 -1.57 0.14
CA LEU A 51 6.87 -1.97 0.32
C LEU A 51 6.94 -3.24 1.16
N ARG A 52 5.78 -3.61 1.70
CA ARG A 52 5.69 -4.80 2.53
C ARG A 52 5.06 -5.95 1.74
N VAL A 53 3.96 -5.63 1.07
CA VAL A 53 3.25 -6.61 0.28
C VAL A 53 3.43 -6.31 -1.20
N LEU A 54 2.94 -5.13 -1.60
CA LEU A 54 3.06 -4.71 -2.98
C LEU A 54 4.49 -4.28 -3.27
N SER A 55 5.38 -5.26 -3.26
CA SER A 55 6.78 -5.01 -3.51
C SER A 55 7.26 -5.84 -4.71
N GLY A 56 7.07 -7.15 -4.59
CA GLY A 56 7.47 -8.05 -5.66
C GLY A 56 6.69 -9.36 -5.58
N PRO A 57 5.40 -9.29 -6.00
CA PRO A 57 4.54 -10.47 -5.98
C PRO A 57 4.89 -11.43 -7.12
N SER A 58 6.01 -12.12 -6.93
CA SER A 58 6.47 -13.07 -7.94
C SER A 58 6.97 -14.35 -7.25
N SER A 59 7.96 -14.16 -6.38
CA SER A 59 8.54 -15.28 -5.65
C SER A 59 9.08 -14.81 -4.31
N GLY A 60 8.94 -15.67 -3.31
CA GLY A 60 9.43 -15.36 -1.97
C GLY A 60 8.35 -14.62 -1.17
N GLY A 1 13.76 -11.23 19.54
CA GLY A 1 13.81 -12.27 18.52
C GLY A 1 12.46 -12.44 17.83
N SER A 2 12.20 -13.67 17.41
CA SER A 2 10.95 -13.98 16.73
C SER A 2 9.95 -14.58 17.72
N SER A 3 9.04 -13.74 18.18
CA SER A 3 8.02 -14.18 19.13
C SER A 3 6.70 -13.48 18.84
N GLY A 4 6.75 -12.15 18.86
CA GLY A 4 5.56 -11.35 18.61
C GLY A 4 5.11 -11.50 17.16
N SER A 5 3.83 -11.83 17.00
CA SER A 5 3.26 -12.01 15.67
C SER A 5 3.13 -10.65 14.98
N SER A 6 3.46 -10.65 13.69
CA SER A 6 3.39 -9.43 12.91
C SER A 6 2.06 -9.37 12.15
N GLY A 7 1.77 -8.20 11.62
CA GLY A 7 0.54 -7.99 10.87
C GLY A 7 -0.11 -6.66 11.22
N LYS A 8 -0.56 -5.96 10.19
CA LYS A 8 -1.19 -4.67 10.36
C LYS A 8 -2.49 -4.63 9.57
N VAL A 9 -3.57 -4.32 10.27
CA VAL A 9 -4.89 -4.24 9.65
C VAL A 9 -5.05 -5.43 8.70
N LYS A 10 -6.05 -5.31 7.83
CA LYS A 10 -6.33 -6.37 6.87
C LYS A 10 -6.57 -5.74 5.49
N TRP A 11 -5.58 -5.92 4.62
CA TRP A 11 -5.67 -5.38 3.28
C TRP A 11 -6.21 -6.48 2.37
N THR A 12 -7.42 -6.25 1.87
CA THR A 12 -8.06 -7.21 0.98
C THR A 12 -7.66 -6.94 -0.47
N HIS A 13 -7.91 -7.94 -1.30
CA HIS A 13 -7.57 -7.84 -2.72
C HIS A 13 -8.00 -6.46 -3.23
N GLU A 14 -9.26 -6.13 -2.98
CA GLU A 14 -9.80 -4.86 -3.43
C GLU A 14 -8.87 -3.71 -3.01
N GLU A 15 -8.33 -3.85 -1.80
CA GLU A 15 -7.43 -2.84 -1.26
C GLU A 15 -6.11 -2.85 -2.02
N ASP A 16 -5.60 -4.06 -2.23
CA ASP A 16 -4.33 -4.22 -2.93
C ASP A 16 -4.49 -3.70 -4.36
N GLU A 17 -5.40 -4.31 -5.09
CA GLU A 17 -5.66 -3.93 -6.47
C GLU A 17 -5.80 -2.41 -6.57
N GLN A 18 -6.45 -1.83 -5.57
CA GLN A 18 -6.66 -0.39 -5.53
C GLN A 18 -5.32 0.33 -5.57
N LEU A 19 -4.54 0.14 -4.51
CA LEU A 19 -3.24 0.77 -4.39
C LEU A 19 -2.43 0.46 -5.65
N ARG A 20 -2.44 -0.80 -6.04
CA ARG A 20 -1.71 -1.24 -7.21
C ARG A 20 -2.00 -0.31 -8.40
N ALA A 21 -3.28 0.02 -8.55
CA ALA A 21 -3.70 0.89 -9.63
C ALA A 21 -3.41 2.35 -9.24
N LEU A 22 -3.99 2.76 -8.12
CA LEU A 22 -3.80 4.11 -7.63
C LEU A 22 -2.35 4.53 -7.83
N VAL A 23 -1.46 3.52 -7.79
CA VAL A 23 -0.05 3.78 -7.98
C VAL A 23 0.22 4.13 -9.44
N ARG A 24 -0.09 3.19 -10.31
CA ARG A 24 0.12 3.37 -11.74
C ARG A 24 -0.73 4.55 -12.24
N GLN A 25 -1.90 4.69 -11.63
CA GLN A 25 -2.81 5.77 -12.00
C GLN A 25 -2.04 7.07 -12.18
N PHE A 26 -1.51 7.56 -11.07
CA PHE A 26 -0.74 8.80 -11.09
C PHE A 26 0.73 8.54 -10.81
N GLY A 27 0.98 7.79 -9.74
CA GLY A 27 2.33 7.46 -9.35
C GLY A 27 2.44 7.30 -7.83
N GLN A 28 3.03 6.18 -7.43
CA GLN A 28 3.20 5.89 -6.01
C GLN A 28 3.93 7.04 -5.32
N GLN A 29 4.77 7.72 -6.10
CA GLN A 29 5.53 8.83 -5.57
C GLN A 29 4.66 9.69 -4.66
N ASP A 30 3.46 9.97 -5.13
CA ASP A 30 2.51 10.77 -4.38
C ASP A 30 1.64 9.85 -3.52
N TRP A 31 2.27 9.25 -2.52
CA TRP A 31 1.56 8.36 -1.62
C TRP A 31 0.51 9.17 -0.86
N LYS A 32 0.96 10.30 -0.33
CA LYS A 32 0.07 11.18 0.42
C LYS A 32 -1.30 11.22 -0.27
N PHE A 33 -1.27 11.54 -1.56
CA PHE A 33 -2.50 11.63 -2.33
C PHE A 33 -3.20 10.26 -2.39
N LEU A 34 -2.41 9.24 -2.64
CA LEU A 34 -2.94 7.89 -2.72
C LEU A 34 -3.74 7.58 -1.45
N ALA A 35 -3.04 7.64 -0.32
CA ALA A 35 -3.67 7.37 0.96
C ALA A 35 -4.91 8.26 1.11
N SER A 36 -4.89 9.38 0.40
CA SER A 36 -5.99 10.31 0.45
C SER A 36 -7.18 9.77 -0.34
N HIS A 37 -6.87 8.89 -1.27
CA HIS A 37 -7.91 8.27 -2.09
C HIS A 37 -8.63 7.19 -1.29
N PHE A 38 -7.88 6.59 -0.37
CA PHE A 38 -8.45 5.54 0.47
C PHE A 38 -9.20 6.13 1.66
N PRO A 39 -10.07 5.28 2.26
CA PRO A 39 -10.86 5.70 3.41
C PRO A 39 -10.00 5.78 4.67
N ASN A 40 -9.92 4.65 5.36
CA ASN A 40 -9.14 4.58 6.59
C ASN A 40 -7.73 4.05 6.26
N ARG A 41 -6.92 4.94 5.70
CA ARG A 41 -5.56 4.58 5.33
C ARG A 41 -4.64 5.79 5.47
N THR A 42 -3.36 5.56 5.21
CA THR A 42 -2.37 6.62 5.31
C THR A 42 -1.23 6.36 4.32
N ASP A 43 -0.48 7.42 4.06
CA ASP A 43 0.64 7.32 3.14
C ASP A 43 1.60 6.22 3.62
N GLN A 44 1.69 6.10 4.93
CA GLN A 44 2.56 5.09 5.53
C GLN A 44 1.98 3.69 5.30
N GLN A 45 0.73 3.54 5.69
CA GLN A 45 0.06 2.25 5.54
C GLN A 45 0.15 1.78 4.09
N CYS A 46 -0.12 2.71 3.18
CA CYS A 46 -0.07 2.41 1.76
C CYS A 46 1.36 2.00 1.40
N GLN A 47 2.24 3.00 1.41
CA GLN A 47 3.64 2.75 1.09
C GLN A 47 4.14 1.49 1.79
N TYR A 48 3.85 1.41 3.08
CA TYR A 48 4.26 0.26 3.87
C TYR A 48 3.69 -1.04 3.29
N ARG A 49 2.36 -1.12 3.32
CA ARG A 49 1.68 -2.30 2.80
C ARG A 49 2.20 -2.64 1.40
N TRP A 50 2.66 -1.61 0.71
CA TRP A 50 3.19 -1.80 -0.63
C TRP A 50 4.61 -2.35 -0.52
N LEU A 51 5.47 -1.55 0.10
CA LEU A 51 6.85 -1.93 0.29
C LEU A 51 6.91 -3.21 1.14
N ARG A 52 5.76 -3.57 1.68
CA ARG A 52 5.66 -4.75 2.52
C ARG A 52 5.02 -5.90 1.74
N VAL A 53 3.92 -5.58 1.07
CA VAL A 53 3.22 -6.58 0.28
C VAL A 53 3.42 -6.28 -1.21
N LEU A 54 2.93 -5.12 -1.61
CA LEU A 54 3.05 -4.71 -3.00
C LEU A 54 4.49 -4.27 -3.28
N SER A 55 5.38 -5.25 -3.25
CA SER A 55 6.79 -4.99 -3.50
C SER A 55 7.41 -6.15 -4.27
N GLY A 56 7.49 -7.29 -3.60
CA GLY A 56 8.06 -8.49 -4.21
C GLY A 56 7.27 -8.87 -5.47
N PRO A 57 7.85 -9.86 -6.21
CA PRO A 57 7.23 -10.34 -7.44
C PRO A 57 6.01 -11.22 -7.13
N SER A 58 6.20 -12.13 -6.18
CA SER A 58 5.13 -13.03 -5.79
C SER A 58 5.04 -13.09 -4.27
N SER A 59 3.96 -12.52 -3.75
CA SER A 59 3.73 -12.49 -2.31
C SER A 59 2.41 -11.80 -2.01
N GLY A 60 1.51 -12.57 -1.40
CA GLY A 60 0.19 -12.05 -1.05
C GLY A 60 -0.91 -12.73 -1.86
N GLY A 1 5.13 -17.06 2.28
CA GLY A 1 5.77 -15.85 2.76
C GLY A 1 7.28 -16.03 2.91
N SER A 2 7.86 -15.22 3.79
CA SER A 2 9.29 -15.29 4.03
C SER A 2 9.61 -16.51 4.89
N SER A 3 9.00 -16.54 6.07
CA SER A 3 9.21 -17.64 6.99
C SER A 3 8.31 -17.50 8.21
N GLY A 4 8.46 -16.36 8.89
CA GLY A 4 7.66 -16.09 10.06
C GLY A 4 6.31 -15.48 9.68
N SER A 5 5.26 -16.05 10.27
CA SER A 5 3.91 -15.58 10.01
C SER A 5 3.82 -14.08 10.28
N SER A 6 3.00 -13.42 9.47
CA SER A 6 2.81 -11.98 9.62
C SER A 6 1.58 -11.71 10.49
N GLY A 7 1.51 -10.47 11.00
CA GLY A 7 0.40 -10.07 11.84
C GLY A 7 0.49 -8.59 12.18
N LYS A 8 0.07 -7.77 11.23
CA LYS A 8 0.10 -6.33 11.42
C LYS A 8 -1.21 -5.72 10.91
N VAL A 9 -1.36 -5.72 9.60
CA VAL A 9 -2.57 -5.18 8.98
C VAL A 9 -2.90 -6.00 7.73
N LYS A 10 -4.05 -6.65 7.79
CA LYS A 10 -4.51 -7.48 6.69
C LYS A 10 -5.21 -6.59 5.66
N TRP A 11 -4.72 -6.67 4.42
CA TRP A 11 -5.29 -5.89 3.34
C TRP A 11 -6.19 -6.81 2.51
N THR A 12 -7.18 -6.19 1.88
CA THR A 12 -8.12 -6.95 1.05
C THR A 12 -7.76 -6.79 -0.43
N HIS A 13 -7.79 -7.91 -1.13
CA HIS A 13 -7.49 -7.92 -2.55
C HIS A 13 -8.11 -6.68 -3.21
N GLU A 14 -9.34 -6.40 -2.82
CA GLU A 14 -10.05 -5.26 -3.37
C GLU A 14 -9.21 -3.99 -3.24
N GLU A 15 -8.78 -3.74 -2.02
CA GLU A 15 -7.96 -2.56 -1.75
C GLU A 15 -6.61 -2.68 -2.45
N ASP A 16 -5.93 -3.79 -2.20
CA ASP A 16 -4.63 -4.04 -2.80
C ASP A 16 -4.66 -3.58 -4.26
N GLU A 17 -5.66 -4.08 -4.98
CA GLU A 17 -5.80 -3.75 -6.38
C GLU A 17 -5.90 -2.23 -6.55
N GLN A 18 -6.76 -1.63 -5.75
CA GLN A 18 -6.95 -0.19 -5.80
C GLN A 18 -5.61 0.53 -5.69
N LEU A 19 -4.90 0.22 -4.61
CA LEU A 19 -3.60 0.83 -4.37
C LEU A 19 -2.68 0.54 -5.55
N ARG A 20 -2.67 -0.73 -5.95
CA ARG A 20 -1.83 -1.16 -7.06
C ARG A 20 -2.09 -0.29 -8.28
N ALA A 21 -3.37 -0.14 -8.61
CA ALA A 21 -3.77 0.66 -9.75
C ALA A 21 -3.50 2.14 -9.45
N LEU A 22 -3.89 2.55 -8.25
CA LEU A 22 -3.70 3.93 -7.83
C LEU A 22 -2.23 4.31 -8.03
N VAL A 23 -1.36 3.34 -7.81
CA VAL A 23 0.07 3.56 -7.96
C VAL A 23 0.37 3.94 -9.41
N ARG A 24 0.11 2.99 -10.31
CA ARG A 24 0.35 3.21 -11.72
C ARG A 24 -0.48 4.38 -12.22
N GLN A 25 -1.64 4.56 -11.62
CA GLN A 25 -2.54 5.64 -11.99
C GLN A 25 -1.74 6.93 -12.19
N PHE A 26 -1.19 7.41 -11.08
CA PHE A 26 -0.41 8.64 -11.12
C PHE A 26 1.06 8.37 -10.77
N GLY A 27 1.25 7.63 -9.69
CA GLY A 27 2.59 7.30 -9.25
C GLY A 27 2.64 7.14 -7.73
N GLN A 28 3.20 6.00 -7.31
CA GLN A 28 3.32 5.72 -5.89
C GLN A 28 4.09 6.84 -5.18
N GLN A 29 4.93 7.51 -5.95
CA GLN A 29 5.73 8.60 -5.42
C GLN A 29 4.86 9.52 -4.56
N ASP A 30 3.64 9.73 -5.01
CA ASP A 30 2.70 10.59 -4.30
C ASP A 30 1.79 9.72 -3.43
N TRP A 31 2.33 9.29 -2.30
CA TRP A 31 1.57 8.46 -1.38
C TRP A 31 0.59 9.35 -0.62
N LYS A 32 1.13 10.42 -0.05
CA LYS A 32 0.32 11.36 0.71
C LYS A 32 -1.02 11.57 -0.03
N PHE A 33 -0.94 11.56 -1.35
CA PHE A 33 -2.14 11.74 -2.17
C PHE A 33 -2.90 10.43 -2.30
N LEU A 34 -2.19 9.39 -2.71
CA LEU A 34 -2.80 8.08 -2.88
C LEU A 34 -3.59 7.72 -1.63
N ALA A 35 -2.98 7.97 -0.48
CA ALA A 35 -3.62 7.68 0.79
C ALA A 35 -4.98 8.37 0.84
N SER A 36 -5.09 9.45 0.09
CA SER A 36 -6.34 10.19 0.03
C SER A 36 -7.49 9.28 -0.40
N HIS A 37 -7.19 8.43 -1.37
CA HIS A 37 -8.19 7.49 -1.87
C HIS A 37 -8.69 6.61 -0.72
N PHE A 38 -7.77 6.27 0.17
CA PHE A 38 -8.11 5.44 1.32
C PHE A 38 -8.21 6.27 2.59
N PRO A 39 -9.47 6.50 3.04
CA PRO A 39 -9.71 7.29 4.24
C PRO A 39 -9.38 6.47 5.49
N ASN A 40 -9.37 5.16 5.32
CA ASN A 40 -9.07 4.27 6.43
C ASN A 40 -7.56 4.04 6.50
N ARG A 41 -6.94 4.04 5.33
CA ARG A 41 -5.50 3.84 5.25
C ARG A 41 -4.78 5.19 5.14
N THR A 42 -3.46 5.12 5.28
CA THR A 42 -2.65 6.33 5.20
C THR A 42 -1.46 6.10 4.26
N ASP A 43 -0.72 7.19 4.03
CA ASP A 43 0.44 7.12 3.15
C ASP A 43 1.41 6.07 3.68
N GLN A 44 1.72 6.18 4.96
CA GLN A 44 2.63 5.24 5.60
C GLN A 44 2.15 3.80 5.37
N GLN A 45 0.97 3.52 5.90
CA GLN A 45 0.40 2.19 5.78
C GLN A 45 0.34 1.77 4.31
N CYS A 46 0.00 2.75 3.46
CA CYS A 46 -0.08 2.49 2.04
C CYS A 46 1.31 2.11 1.53
N GLN A 47 2.24 3.03 1.73
CA GLN A 47 3.61 2.81 1.29
C GLN A 47 4.16 1.52 1.91
N TYR A 48 3.85 1.33 3.19
CA TYR A 48 4.31 0.16 3.91
C TYR A 48 3.78 -1.12 3.24
N ARG A 49 2.47 -1.28 3.28
CA ARG A 49 1.84 -2.45 2.69
C ARG A 49 2.37 -2.67 1.27
N TRP A 50 2.78 -1.57 0.65
CA TRP A 50 3.30 -1.64 -0.71
C TRP A 50 4.75 -2.11 -0.63
N LEU A 51 5.57 -1.31 0.03
CA LEU A 51 6.98 -1.63 0.17
C LEU A 51 7.13 -2.94 0.95
N ARG A 52 5.99 -3.42 1.46
CA ARG A 52 5.98 -4.65 2.22
C ARG A 52 5.40 -5.79 1.37
N VAL A 53 4.28 -5.50 0.73
CA VAL A 53 3.63 -6.48 -0.11
C VAL A 53 3.79 -6.07 -1.58
N LEU A 54 3.24 -4.91 -1.90
CA LEU A 54 3.31 -4.40 -3.27
C LEU A 54 4.72 -3.87 -3.53
N SER A 55 5.67 -4.80 -3.57
CA SER A 55 7.05 -4.44 -3.81
C SER A 55 7.74 -5.55 -4.61
N GLY A 56 8.40 -5.15 -5.69
CA GLY A 56 9.09 -6.09 -6.54
C GLY A 56 8.12 -7.01 -7.28
N PRO A 57 8.55 -7.47 -8.48
CA PRO A 57 7.72 -8.35 -9.29
C PRO A 57 7.70 -9.77 -8.70
N SER A 58 6.49 -10.30 -8.58
CA SER A 58 6.33 -11.65 -8.04
C SER A 58 4.90 -12.14 -8.33
N SER A 59 3.94 -11.47 -7.69
CA SER A 59 2.55 -11.83 -7.86
C SER A 59 1.65 -10.79 -7.20
N GLY A 60 1.86 -10.63 -5.90
CA GLY A 60 1.07 -9.66 -5.13
C GLY A 60 1.10 -10.00 -3.64
N GLY A 1 -1.37 2.81 31.02
CA GLY A 1 -2.02 1.56 31.40
C GLY A 1 -3.33 1.37 30.64
N SER A 2 -4.17 0.50 31.17
CA SER A 2 -5.45 0.20 30.55
C SER A 2 -5.23 -0.43 29.18
N SER A 3 -5.81 -1.60 29.01
CA SER A 3 -5.69 -2.32 27.75
C SER A 3 -6.72 -1.81 26.74
N GLY A 4 -6.21 -1.30 25.63
CA GLY A 4 -7.07 -0.76 24.59
C GLY A 4 -6.29 -0.56 23.28
N SER A 5 -7.01 -0.09 22.28
CA SER A 5 -6.40 0.14 20.98
C SER A 5 -5.73 -1.15 20.48
N SER A 6 -6.54 -2.01 19.89
CA SER A 6 -6.03 -3.27 19.37
C SER A 6 -6.96 -3.79 18.26
N GLY A 7 -6.49 -3.63 17.04
CA GLY A 7 -7.26 -4.07 15.88
C GLY A 7 -6.43 -3.98 14.60
N LYS A 8 -5.80 -5.09 14.26
CA LYS A 8 -4.98 -5.14 13.07
C LYS A 8 -5.73 -4.50 11.90
N VAL A 9 -4.98 -4.20 10.85
CA VAL A 9 -5.56 -3.58 9.67
C VAL A 9 -6.03 -4.67 8.71
N LYS A 10 -5.06 -5.37 8.13
CA LYS A 10 -5.36 -6.45 7.20
C LYS A 10 -5.89 -5.84 5.90
N TRP A 11 -4.98 -5.71 4.93
CA TRP A 11 -5.35 -5.15 3.64
C TRP A 11 -6.12 -6.21 2.87
N THR A 12 -7.13 -5.75 2.14
CA THR A 12 -7.96 -6.65 1.35
C THR A 12 -7.61 -6.53 -0.13
N HIS A 13 -8.01 -7.55 -0.88
CA HIS A 13 -7.74 -7.58 -2.31
C HIS A 13 -8.22 -6.26 -2.94
N GLU A 14 -9.50 -5.99 -2.77
CA GLU A 14 -10.09 -4.78 -3.32
C GLU A 14 -9.19 -3.58 -3.03
N GLU A 15 -8.42 -3.70 -1.95
CA GLU A 15 -7.52 -2.63 -1.55
C GLU A 15 -6.15 -2.82 -2.21
N ASP A 16 -5.59 -4.00 -2.01
CA ASP A 16 -4.29 -4.31 -2.58
C ASP A 16 -4.25 -3.87 -4.04
N GLU A 17 -5.27 -4.28 -4.78
CA GLU A 17 -5.37 -3.93 -6.19
C GLU A 17 -5.51 -2.41 -6.34
N GLN A 18 -6.37 -1.84 -5.51
CA GLN A 18 -6.60 -0.40 -5.55
C GLN A 18 -5.27 0.35 -5.56
N LEU A 19 -4.49 0.14 -4.51
CA LEU A 19 -3.19 0.79 -4.41
C LEU A 19 -2.38 0.51 -5.66
N ARG A 20 -2.26 -0.77 -5.98
CA ARG A 20 -1.51 -1.19 -7.16
C ARG A 20 -1.81 -0.26 -8.33
N ALA A 21 -3.10 -0.08 -8.58
CA ALA A 21 -3.54 0.78 -9.67
C ALA A 21 -3.29 2.24 -9.30
N LEU A 22 -3.88 2.64 -8.19
CA LEU A 22 -3.73 4.00 -7.71
C LEU A 22 -2.29 4.47 -7.93
N VAL A 23 -1.38 3.50 -7.88
CA VAL A 23 0.03 3.80 -8.07
C VAL A 23 0.28 4.14 -9.55
N ARG A 24 -0.01 3.17 -10.39
CA ARG A 24 0.19 3.35 -11.83
C ARG A 24 -0.70 4.48 -12.34
N GLN A 25 -1.87 4.59 -11.72
CA GLN A 25 -2.83 5.62 -12.11
C GLN A 25 -2.11 6.95 -12.32
N PHE A 26 -1.58 7.48 -11.23
CA PHE A 26 -0.87 8.74 -11.28
C PHE A 26 0.63 8.55 -11.00
N GLY A 27 0.91 7.82 -9.93
CA GLY A 27 2.28 7.55 -9.55
C GLY A 27 2.41 7.42 -8.04
N GLN A 28 3.03 6.32 -7.62
CA GLN A 28 3.22 6.06 -6.20
C GLN A 28 4.05 7.18 -5.57
N GLN A 29 4.73 7.93 -6.43
CA GLN A 29 5.56 9.02 -5.97
C GLN A 29 4.81 9.86 -4.94
N ASP A 30 3.52 10.02 -5.17
CA ASP A 30 2.68 10.79 -4.25
C ASP A 30 1.76 9.84 -3.48
N TRP A 31 2.27 9.38 -2.34
CA TRP A 31 1.50 8.48 -1.50
C TRP A 31 0.49 9.30 -0.70
N LYS A 32 0.98 10.41 -0.16
CA LYS A 32 0.14 11.29 0.62
C LYS A 32 -1.24 11.39 -0.03
N PHE A 33 -1.22 11.54 -1.35
CA PHE A 33 -2.46 11.65 -2.11
C PHE A 33 -3.16 10.29 -2.21
N LEU A 34 -2.39 9.29 -2.62
CA LEU A 34 -2.91 7.94 -2.76
C LEU A 34 -3.70 7.57 -1.50
N ALA A 35 -2.98 7.53 -0.39
CA ALA A 35 -3.60 7.20 0.89
C ALA A 35 -4.90 7.98 1.05
N SER A 36 -4.87 9.21 0.56
CA SER A 36 -6.04 10.07 0.64
C SER A 36 -7.20 9.45 -0.14
N HIS A 37 -6.87 8.86 -1.27
CA HIS A 37 -7.87 8.22 -2.11
C HIS A 37 -8.66 7.20 -1.29
N PHE A 38 -7.93 6.47 -0.45
CA PHE A 38 -8.56 5.47 0.39
C PHE A 38 -9.32 6.12 1.54
N PRO A 39 -10.18 5.28 2.18
CA PRO A 39 -10.98 5.76 3.31
C PRO A 39 -10.13 5.93 4.56
N ASN A 40 -10.06 4.87 5.34
CA ASN A 40 -9.29 4.88 6.57
C ASN A 40 -7.89 4.30 6.30
N ARG A 41 -7.05 5.13 5.70
CA ARG A 41 -5.69 4.70 5.38
C ARG A 41 -4.74 5.89 5.50
N THR A 42 -3.46 5.61 5.24
CA THR A 42 -2.44 6.64 5.31
C THR A 42 -1.26 6.27 4.40
N ASP A 43 -0.61 7.31 3.89
CA ASP A 43 0.52 7.14 3.01
C ASP A 43 1.42 6.03 3.57
N GLN A 44 1.54 6.01 4.88
CA GLN A 44 2.36 5.02 5.55
C GLN A 44 1.82 3.61 5.28
N GLN A 45 0.55 3.43 5.58
CA GLN A 45 -0.09 2.15 5.36
C GLN A 45 0.07 1.70 3.91
N CYS A 46 -0.25 2.62 3.01
CA CYS A 46 -0.14 2.34 1.59
C CYS A 46 1.31 2.00 1.27
N GLN A 47 2.17 3.01 1.38
CA GLN A 47 3.58 2.83 1.12
C GLN A 47 4.09 1.54 1.77
N TYR A 48 3.78 1.40 3.05
CA TYR A 48 4.19 0.23 3.80
C TYR A 48 3.62 -1.04 3.18
N ARG A 49 2.30 -1.13 3.19
CA ARG A 49 1.62 -2.29 2.62
C ARG A 49 2.15 -2.58 1.22
N TRP A 50 2.67 -1.55 0.59
CA TRP A 50 3.21 -1.69 -0.75
C TRP A 50 4.64 -2.22 -0.64
N LEU A 51 5.48 -1.42 0.01
CA LEU A 51 6.87 -1.79 0.20
C LEU A 51 6.94 -3.09 1.01
N ARG A 52 5.79 -3.49 1.53
CA ARG A 52 5.71 -4.71 2.32
C ARG A 52 5.10 -5.85 1.49
N VAL A 53 3.99 -5.52 0.83
CA VAL A 53 3.30 -6.50 -0.01
C VAL A 53 3.49 -6.12 -1.48
N LEU A 54 2.98 -4.96 -1.83
CA LEU A 54 3.08 -4.49 -3.20
C LEU A 54 4.50 -3.98 -3.46
N SER A 55 5.44 -4.92 -3.46
CA SER A 55 6.83 -4.59 -3.69
C SER A 55 7.67 -5.87 -3.77
N GLY A 56 8.14 -6.15 -4.97
CA GLY A 56 8.95 -7.34 -5.20
C GLY A 56 8.08 -8.55 -5.50
N PRO A 57 8.70 -9.57 -6.15
CA PRO A 57 7.99 -10.79 -6.50
C PRO A 57 7.77 -11.66 -5.27
N SER A 58 7.05 -11.10 -4.30
CA SER A 58 6.76 -11.81 -3.07
C SER A 58 5.32 -12.32 -3.10
N SER A 59 5.13 -13.50 -2.51
CA SER A 59 3.81 -14.10 -2.46
C SER A 59 3.08 -13.65 -1.20
N GLY A 60 2.52 -12.45 -1.28
CA GLY A 60 1.79 -11.88 -0.16
C GLY A 60 0.41 -11.39 -0.59
N GLY A 1 6.18 -17.10 1.07
CA GLY A 1 7.41 -16.41 1.39
C GLY A 1 7.13 -14.93 1.71
N SER A 2 6.72 -14.69 2.94
CA SER A 2 6.42 -13.34 3.38
C SER A 2 6.29 -13.30 4.91
N SER A 3 6.42 -12.11 5.45
CA SER A 3 6.32 -11.92 6.89
C SER A 3 4.93 -11.38 7.25
N GLY A 4 4.24 -12.14 8.10
CA GLY A 4 2.91 -11.74 8.53
C GLY A 4 2.68 -12.10 10.00
N SER A 5 3.35 -11.35 10.86
CA SER A 5 3.22 -11.59 12.29
C SER A 5 2.06 -10.78 12.86
N SER A 6 2.16 -9.46 12.72
CA SER A 6 1.14 -8.57 13.21
C SER A 6 -0.04 -8.54 12.23
N GLY A 7 -1.05 -9.35 12.55
CA GLY A 7 -2.24 -9.43 11.71
C GLY A 7 -3.25 -8.36 12.10
N LYS A 8 -3.10 -7.19 11.48
CA LYS A 8 -3.99 -6.08 11.75
C LYS A 8 -4.41 -5.44 10.44
N VAL A 9 -5.57 -4.79 10.46
CA VAL A 9 -6.10 -4.13 9.29
C VAL A 9 -6.51 -5.19 8.26
N LYS A 10 -5.50 -5.86 7.73
CA LYS A 10 -5.73 -6.91 6.73
C LYS A 10 -6.23 -6.26 5.44
N TRP A 11 -5.28 -5.80 4.64
CA TRP A 11 -5.61 -5.17 3.37
C TRP A 11 -6.36 -6.18 2.52
N THR A 12 -7.53 -5.75 2.05
CA THR A 12 -8.36 -6.61 1.22
C THR A 12 -7.88 -6.57 -0.24
N HIS A 13 -8.34 -7.54 -1.00
CA HIS A 13 -7.97 -7.63 -2.40
C HIS A 13 -8.27 -6.30 -3.10
N GLU A 14 -9.50 -5.85 -2.92
CA GLU A 14 -9.93 -4.60 -3.52
C GLU A 14 -9.03 -3.44 -3.07
N GLU A 15 -8.45 -3.63 -1.88
CA GLU A 15 -7.57 -2.62 -1.33
C GLU A 15 -6.18 -2.72 -1.96
N ASP A 16 -5.71 -3.96 -2.08
CA ASP A 16 -4.40 -4.20 -2.66
C ASP A 16 -4.42 -3.79 -4.14
N GLU A 17 -5.37 -4.34 -4.87
CA GLU A 17 -5.51 -4.04 -6.28
C GLU A 17 -5.64 -2.54 -6.49
N GLN A 18 -6.24 -1.88 -5.52
CA GLN A 18 -6.42 -0.44 -5.59
C GLN A 18 -5.07 0.27 -5.64
N LEU A 19 -4.39 0.24 -4.51
CA LEU A 19 -3.09 0.88 -4.40
C LEU A 19 -2.25 0.53 -5.64
N ARG A 20 -2.39 -0.72 -6.07
CA ARG A 20 -1.66 -1.20 -7.23
C ARG A 20 -1.97 -0.31 -8.45
N ALA A 21 -3.26 -0.16 -8.72
CA ALA A 21 -3.69 0.65 -9.83
C ALA A 21 -3.47 2.13 -9.51
N LEU A 22 -3.89 2.51 -8.32
CA LEU A 22 -3.74 3.89 -7.87
C LEU A 22 -2.30 4.34 -8.11
N VAL A 23 -1.36 3.46 -7.81
CA VAL A 23 0.04 3.75 -8.00
C VAL A 23 0.29 4.17 -9.45
N ARG A 24 0.08 3.22 -10.35
CA ARG A 24 0.27 3.47 -11.75
C ARG A 24 -0.64 4.62 -12.22
N GLN A 25 -1.79 4.70 -11.58
CA GLN A 25 -2.75 5.74 -11.92
C GLN A 25 -2.05 7.09 -12.10
N PHE A 26 -1.49 7.57 -11.01
CA PHE A 26 -0.78 8.85 -11.04
C PHE A 26 0.70 8.65 -10.74
N GLY A 27 0.97 7.91 -9.67
CA GLY A 27 2.35 7.64 -9.27
C GLY A 27 2.44 7.42 -7.76
N GLN A 28 3.09 6.33 -7.39
CA GLN A 28 3.26 6.00 -5.99
C GLN A 28 3.94 7.15 -5.24
N GLN A 29 4.81 7.84 -5.96
CA GLN A 29 5.53 8.96 -5.39
C GLN A 29 4.60 9.81 -4.53
N ASP A 30 3.38 9.98 -5.02
CA ASP A 30 2.38 10.76 -4.30
C ASP A 30 1.54 9.82 -3.43
N TRP A 31 2.18 9.26 -2.41
CA TRP A 31 1.51 8.36 -1.50
C TRP A 31 0.46 9.16 -0.73
N LYS A 32 0.89 10.28 -0.19
CA LYS A 32 0.01 11.14 0.57
C LYS A 32 -1.36 11.18 -0.11
N PHE A 33 -1.33 11.48 -1.40
CA PHE A 33 -2.56 11.56 -2.18
C PHE A 33 -3.24 10.19 -2.27
N LEU A 34 -2.45 9.19 -2.61
CA LEU A 34 -2.96 7.84 -2.73
C LEU A 34 -3.73 7.47 -1.47
N ALA A 35 -3.07 7.67 -0.34
CA ALA A 35 -3.68 7.37 0.95
C ALA A 35 -5.00 8.14 1.08
N SER A 36 -5.01 9.33 0.50
CA SER A 36 -6.19 10.18 0.54
C SER A 36 -7.33 9.52 -0.23
N HIS A 37 -6.96 8.73 -1.23
CA HIS A 37 -7.94 8.03 -2.04
C HIS A 37 -8.69 7.01 -1.18
N PHE A 38 -7.95 6.41 -0.26
CA PHE A 38 -8.53 5.42 0.63
C PHE A 38 -9.27 6.09 1.79
N PRO A 39 -10.11 5.27 2.48
CA PRO A 39 -10.88 5.77 3.61
C PRO A 39 -9.98 5.95 4.84
N ASN A 40 -9.89 4.89 5.62
CA ASN A 40 -9.08 4.92 6.83
C ASN A 40 -7.70 4.35 6.52
N ARG A 41 -6.89 5.16 5.84
CA ARG A 41 -5.55 4.75 5.49
C ARG A 41 -4.61 5.96 5.48
N THR A 42 -3.32 5.67 5.38
CA THR A 42 -2.32 6.72 5.37
C THR A 42 -1.16 6.33 4.45
N ASP A 43 -0.52 7.35 3.90
CA ASP A 43 0.60 7.14 3.00
C ASP A 43 1.49 6.02 3.54
N GLN A 44 1.68 6.05 4.86
CA GLN A 44 2.49 5.06 5.52
C GLN A 44 1.94 3.66 5.27
N GLN A 45 0.69 3.48 5.66
CA GLN A 45 0.03 2.20 5.47
C GLN A 45 0.07 1.78 4.01
N CYS A 46 0.01 2.78 3.15
CA CYS A 46 0.04 2.52 1.71
C CYS A 46 1.47 2.12 1.33
N GLN A 47 2.37 3.08 1.45
CA GLN A 47 3.76 2.83 1.12
C GLN A 47 4.26 1.55 1.79
N TYR A 48 3.93 1.42 3.06
CA TYR A 48 4.32 0.25 3.82
C TYR A 48 3.71 -1.02 3.23
N ARG A 49 2.39 -1.08 3.27
CA ARG A 49 1.68 -2.22 2.74
C ARG A 49 2.17 -2.55 1.33
N TRP A 50 2.70 -1.54 0.67
CA TRP A 50 3.21 -1.71 -0.68
C TRP A 50 4.64 -2.26 -0.58
N LEU A 51 5.50 -1.47 0.04
CA LEU A 51 6.89 -1.87 0.21
C LEU A 51 6.95 -3.17 1.04
N ARG A 52 5.79 -3.55 1.56
CA ARG A 52 5.71 -4.75 2.37
C ARG A 52 5.05 -5.87 1.57
N VAL A 53 3.94 -5.54 0.93
CA VAL A 53 3.21 -6.51 0.13
C VAL A 53 3.37 -6.16 -1.36
N LEU A 54 2.87 -4.99 -1.71
CA LEU A 54 2.94 -4.52 -3.08
C LEU A 54 4.36 -4.04 -3.38
N SER A 55 5.29 -5.00 -3.39
CA SER A 55 6.68 -4.69 -3.67
C SER A 55 7.22 -5.63 -4.75
N GLY A 56 8.06 -5.07 -5.60
CA GLY A 56 8.65 -5.84 -6.68
C GLY A 56 9.93 -6.55 -6.22
N PRO A 57 10.29 -7.63 -6.95
CA PRO A 57 11.47 -8.40 -6.62
C PRO A 57 12.74 -7.66 -7.03
N SER A 58 13.11 -6.68 -6.22
CA SER A 58 14.30 -5.88 -6.50
C SER A 58 15.55 -6.71 -6.21
N SER A 59 16.67 -6.24 -6.76
CA SER A 59 17.94 -6.92 -6.58
C SER A 59 19.08 -5.91 -6.63
N GLY A 60 19.17 -5.21 -7.74
CA GLY A 60 20.21 -4.21 -7.93
C GLY A 60 20.00 -3.44 -9.23
N GLY A 1 11.71 -10.37 19.41
CA GLY A 1 10.43 -9.72 19.65
C GLY A 1 9.26 -10.67 19.33
N SER A 2 8.48 -10.28 18.33
CA SER A 2 7.34 -11.08 17.92
C SER A 2 7.82 -12.42 17.35
N SER A 3 6.92 -13.39 17.37
CA SER A 3 7.23 -14.71 16.86
C SER A 3 6.02 -15.30 16.13
N GLY A 4 4.93 -15.41 16.87
CA GLY A 4 3.70 -15.95 16.31
C GLY A 4 2.50 -15.08 16.68
N SER A 5 2.56 -13.82 16.25
CA SER A 5 1.49 -12.88 16.53
C SER A 5 1.70 -11.60 15.73
N SER A 6 0.89 -11.44 14.69
CA SER A 6 0.98 -10.26 13.85
C SER A 6 -0.39 -9.93 13.26
N GLY A 7 -0.96 -8.83 13.75
CA GLY A 7 -2.26 -8.40 13.30
C GLY A 7 -2.15 -7.56 12.03
N LYS A 8 -1.58 -6.37 12.19
CA LYS A 8 -1.40 -5.47 11.07
C LYS A 8 -2.76 -5.19 10.42
N VAL A 9 -2.77 -4.19 9.55
CA VAL A 9 -3.99 -3.82 8.86
C VAL A 9 -4.33 -4.90 7.82
N LYS A 10 -5.58 -5.35 7.88
CA LYS A 10 -6.04 -6.37 6.96
C LYS A 10 -6.35 -5.72 5.60
N TRP A 11 -5.43 -5.90 4.67
CA TRP A 11 -5.59 -5.34 3.34
C TRP A 11 -6.22 -6.41 2.45
N THR A 12 -7.37 -6.07 1.89
CA THR A 12 -8.07 -6.99 1.01
C THR A 12 -7.67 -6.76 -0.45
N HIS A 13 -7.97 -7.75 -1.27
CA HIS A 13 -7.65 -7.68 -2.69
C HIS A 13 -8.13 -6.34 -3.25
N GLU A 14 -9.37 -6.00 -2.92
CA GLU A 14 -9.95 -4.75 -3.38
C GLU A 14 -9.10 -3.57 -2.93
N GLU A 15 -8.45 -3.74 -1.79
CA GLU A 15 -7.60 -2.70 -1.25
C GLU A 15 -6.24 -2.70 -1.94
N ASP A 16 -5.74 -3.89 -2.18
CA ASP A 16 -4.45 -4.05 -2.84
C ASP A 16 -4.54 -3.49 -4.26
N GLU A 17 -5.53 -3.99 -5.00
CA GLU A 17 -5.73 -3.56 -6.37
C GLU A 17 -5.82 -2.03 -6.44
N GLN A 18 -6.60 -1.48 -5.53
CA GLN A 18 -6.78 -0.04 -5.47
C GLN A 18 -5.42 0.67 -5.43
N LEU A 19 -4.63 0.31 -4.42
CA LEU A 19 -3.32 0.89 -4.27
C LEU A 19 -2.48 0.59 -5.51
N ARG A 20 -2.68 -0.60 -6.05
CA ARG A 20 -1.96 -1.02 -7.23
C ARG A 20 -2.33 -0.14 -8.43
N ALA A 21 -3.63 0.06 -8.60
CA ALA A 21 -4.13 0.88 -9.69
C ALA A 21 -3.83 2.35 -9.40
N LEU A 22 -3.65 2.64 -8.12
CA LEU A 22 -3.36 4.00 -7.70
C LEU A 22 -1.91 4.33 -8.02
N VAL A 23 -1.10 3.29 -8.12
CA VAL A 23 0.31 3.47 -8.43
C VAL A 23 0.47 3.69 -9.94
N ARG A 24 -0.03 2.74 -10.71
CA ARG A 24 0.04 2.84 -12.15
C ARG A 24 -0.53 4.17 -12.64
N GLN A 25 -1.64 4.54 -12.04
CA GLN A 25 -2.30 5.79 -12.40
C GLN A 25 -1.28 6.92 -12.50
N PHE A 26 -0.72 7.27 -11.34
CA PHE A 26 0.27 8.34 -11.28
C PHE A 26 1.64 7.77 -10.91
N GLY A 27 1.66 7.00 -9.84
CA GLY A 27 2.90 6.40 -9.37
C GLY A 27 2.92 6.32 -7.84
N GLN A 28 4.06 6.69 -7.27
CA GLN A 28 4.22 6.68 -5.83
C GLN A 28 5.07 7.86 -5.36
N GLN A 29 4.74 9.03 -5.91
CA GLN A 29 5.45 10.24 -5.57
C GLN A 29 4.85 10.87 -4.30
N ASP A 30 3.53 10.90 -4.27
CA ASP A 30 2.83 11.47 -3.14
C ASP A 30 1.81 10.45 -2.60
N TRP A 31 2.32 9.51 -1.82
CA TRP A 31 1.47 8.48 -1.26
C TRP A 31 0.29 9.17 -0.55
N LYS A 32 0.60 10.27 0.11
CA LYS A 32 -0.42 11.02 0.82
C LYS A 32 -1.68 11.08 -0.04
N PHE A 33 -1.50 11.47 -1.29
CA PHE A 33 -2.62 11.56 -2.22
C PHE A 33 -3.23 10.19 -2.49
N LEU A 34 -2.36 9.19 -2.55
CA LEU A 34 -2.81 7.84 -2.80
C LEU A 34 -3.65 7.36 -1.62
N ALA A 35 -3.09 7.50 -0.43
CA ALA A 35 -3.78 7.09 0.78
C ALA A 35 -5.08 7.88 0.92
N SER A 36 -4.99 9.16 0.58
CA SER A 36 -6.15 10.03 0.65
C SER A 36 -7.34 9.39 -0.06
N HIS A 37 -7.03 8.65 -1.11
CA HIS A 37 -8.06 7.98 -1.90
C HIS A 37 -8.79 6.97 -1.02
N PHE A 38 -8.02 6.31 -0.16
CA PHE A 38 -8.59 5.32 0.74
C PHE A 38 -9.25 5.98 1.94
N PRO A 39 -10.11 5.19 2.63
CA PRO A 39 -10.83 5.69 3.80
C PRO A 39 -9.89 5.80 5.00
N ASN A 40 -9.82 4.70 5.75
CA ASN A 40 -8.98 4.65 6.93
C ASN A 40 -7.59 4.13 6.54
N ARG A 41 -6.82 5.02 5.92
CA ARG A 41 -5.48 4.66 5.48
C ARG A 41 -4.58 5.91 5.48
N THR A 42 -3.29 5.67 5.30
CA THR A 42 -2.32 6.76 5.25
C THR A 42 -1.14 6.38 4.36
N ASP A 43 -0.51 7.41 3.80
CA ASP A 43 0.63 7.20 2.93
C ASP A 43 1.52 6.10 3.51
N GLN A 44 1.71 6.16 4.82
CA GLN A 44 2.52 5.16 5.51
C GLN A 44 1.99 3.76 5.23
N GLN A 45 0.77 3.52 5.67
CA GLN A 45 0.14 2.22 5.48
C GLN A 45 0.30 1.76 4.03
N CYS A 46 0.03 2.67 3.12
CA CYS A 46 0.14 2.37 1.70
C CYS A 46 1.60 2.02 1.40
N GLN A 47 2.45 3.04 1.46
CA GLN A 47 3.86 2.85 1.20
C GLN A 47 4.36 1.58 1.87
N TYR A 48 4.02 1.44 3.14
CA TYR A 48 4.42 0.28 3.92
C TYR A 48 3.83 -1.00 3.32
N ARG A 49 2.51 -1.09 3.38
CA ARG A 49 1.82 -2.26 2.86
C ARG A 49 2.31 -2.57 1.44
N TRP A 50 2.76 -1.53 0.76
CA TRP A 50 3.26 -1.70 -0.59
C TRP A 50 4.68 -2.25 -0.51
N LEU A 51 5.56 -1.46 0.11
CA LEU A 51 6.95 -1.86 0.26
C LEU A 51 7.01 -3.14 1.10
N ARG A 52 5.87 -3.51 1.65
CA ARG A 52 5.78 -4.70 2.47
C ARG A 52 5.13 -5.84 1.69
N VAL A 53 4.03 -5.52 1.04
CA VAL A 53 3.30 -6.50 0.26
C VAL A 53 3.46 -6.18 -1.23
N LEU A 54 2.96 -5.01 -1.60
CA LEU A 54 3.04 -4.57 -2.99
C LEU A 54 4.48 -4.13 -3.30
N SER A 55 5.37 -5.11 -3.29
CA SER A 55 6.78 -4.83 -3.57
C SER A 55 7.40 -6.02 -4.31
N GLY A 56 7.40 -5.92 -5.63
CA GLY A 56 7.96 -6.97 -6.46
C GLY A 56 7.64 -6.73 -7.94
N PRO A 57 8.63 -6.14 -8.65
CA PRO A 57 8.46 -5.85 -10.07
C PRO A 57 8.59 -7.12 -10.90
N SER A 58 7.77 -7.19 -11.94
CA SER A 58 7.77 -8.35 -12.82
C SER A 58 8.06 -7.90 -14.26
N SER A 59 8.57 -8.84 -15.04
CA SER A 59 8.88 -8.57 -16.43
C SER A 59 9.29 -9.86 -17.15
N GLY A 60 8.37 -10.36 -17.97
CA GLY A 60 8.62 -11.57 -18.70
C GLY A 60 9.78 -11.40 -19.68
N GLY A 1 8.38 -3.92 19.58
CA GLY A 1 8.65 -2.49 19.68
C GLY A 1 9.87 -2.10 18.83
N SER A 2 9.91 -0.83 18.46
CA SER A 2 11.00 -0.31 17.67
C SER A 2 10.92 -0.89 16.24
N SER A 3 11.19 -2.17 16.14
CA SER A 3 11.15 -2.85 14.86
C SER A 3 9.82 -3.59 14.70
N GLY A 4 9.14 -3.29 13.59
CA GLY A 4 7.86 -3.91 13.31
C GLY A 4 6.73 -2.88 13.34
N SER A 5 5.70 -3.17 12.56
CA SER A 5 4.55 -2.27 12.49
C SER A 5 3.72 -2.38 13.76
N SER A 6 2.92 -1.35 14.00
CA SER A 6 2.08 -1.32 15.18
C SER A 6 0.61 -1.42 14.77
N GLY A 7 -0.10 -2.34 15.43
CA GLY A 7 -1.50 -2.56 15.15
C GLY A 7 -1.69 -3.68 14.13
N LYS A 8 -2.95 -4.07 13.95
CA LYS A 8 -3.27 -5.14 13.02
C LYS A 8 -4.14 -4.58 11.90
N VAL A 9 -3.73 -4.84 10.68
CA VAL A 9 -4.46 -4.38 9.51
C VAL A 9 -4.55 -5.51 8.49
N LYS A 10 -5.70 -5.56 7.82
CA LYS A 10 -5.93 -6.59 6.82
C LYS A 10 -6.25 -5.92 5.47
N TRP A 11 -5.68 -6.47 4.42
CA TRP A 11 -5.89 -5.93 3.09
C TRP A 11 -6.55 -7.04 2.24
N THR A 12 -7.44 -6.59 1.36
CA THR A 12 -8.14 -7.52 0.49
C THR A 12 -7.75 -7.29 -0.97
N HIS A 13 -8.41 -8.02 -1.86
CA HIS A 13 -8.14 -7.90 -3.27
C HIS A 13 -8.53 -6.51 -3.76
N GLU A 14 -9.32 -5.83 -2.94
CA GLU A 14 -9.77 -4.49 -3.27
C GLU A 14 -8.66 -3.48 -3.04
N GLU A 15 -8.31 -3.31 -1.77
CA GLU A 15 -7.25 -2.39 -1.40
C GLU A 15 -6.02 -2.59 -2.28
N ASP A 16 -5.51 -3.82 -2.23
CA ASP A 16 -4.33 -4.17 -3.02
C ASP A 16 -4.49 -3.64 -4.44
N GLU A 17 -5.48 -4.20 -5.13
CA GLU A 17 -5.75 -3.79 -6.50
C GLU A 17 -5.90 -2.27 -6.58
N GLN A 18 -6.65 -1.74 -5.63
CA GLN A 18 -6.88 -0.29 -5.59
C GLN A 18 -5.55 0.45 -5.56
N LEU A 19 -4.75 0.15 -4.55
CA LEU A 19 -3.46 0.79 -4.41
C LEU A 19 -2.59 0.47 -5.63
N ARG A 20 -2.52 -0.83 -5.94
CA ARG A 20 -1.74 -1.28 -7.07
C ARG A 20 -2.02 -0.41 -8.30
N ALA A 21 -3.30 -0.14 -8.51
CA ALA A 21 -3.72 0.67 -9.64
C ALA A 21 -3.42 2.14 -9.34
N LEU A 22 -3.97 2.60 -8.22
CA LEU A 22 -3.77 3.99 -7.81
C LEU A 22 -2.31 4.38 -8.05
N VAL A 23 -1.43 3.40 -7.89
CA VAL A 23 -0.01 3.62 -8.09
C VAL A 23 0.26 3.93 -9.56
N ARG A 24 -0.03 2.95 -10.39
CA ARG A 24 0.17 3.10 -11.83
C ARG A 24 -0.67 4.26 -12.37
N GLN A 25 -1.83 4.45 -11.74
CA GLN A 25 -2.73 5.51 -12.15
C GLN A 25 -1.95 6.81 -12.40
N PHE A 26 -1.39 7.34 -11.32
CA PHE A 26 -0.62 8.57 -11.40
C PHE A 26 0.85 8.31 -11.07
N GLY A 27 1.06 7.62 -9.96
CA GLY A 27 2.41 7.31 -9.51
C GLY A 27 2.47 7.15 -8.00
N GLN A 28 3.06 6.04 -7.57
CA GLN A 28 3.18 5.76 -6.15
C GLN A 28 3.97 6.89 -5.45
N GLN A 29 4.82 7.54 -6.23
CA GLN A 29 5.64 8.62 -5.70
C GLN A 29 4.80 9.50 -4.77
N ASP A 30 3.64 9.89 -5.26
CA ASP A 30 2.73 10.73 -4.48
C ASP A 30 1.83 9.84 -3.63
N TRP A 31 2.35 9.42 -2.50
CA TRP A 31 1.60 8.57 -1.59
C TRP A 31 0.62 9.46 -0.81
N LYS A 32 1.14 10.56 -0.30
CA LYS A 32 0.33 11.50 0.46
C LYS A 32 -1.05 11.62 -0.21
N PHE A 33 -1.03 11.61 -1.53
CA PHE A 33 -2.27 11.71 -2.29
C PHE A 33 -3.00 10.38 -2.32
N LEU A 34 -2.31 9.36 -2.81
CA LEU A 34 -2.89 8.03 -2.91
C LEU A 34 -3.64 7.71 -1.62
N ALA A 35 -2.91 7.80 -0.51
CA ALA A 35 -3.50 7.53 0.79
C ALA A 35 -4.91 8.11 0.85
N SER A 36 -5.04 9.31 0.29
CA SER A 36 -6.33 9.98 0.26
C SER A 36 -7.44 8.97 -0.05
N HIS A 37 -7.23 8.23 -1.13
CA HIS A 37 -8.21 7.24 -1.55
C HIS A 37 -8.63 6.39 -0.35
N PHE A 38 -7.65 6.06 0.47
CA PHE A 38 -7.90 5.25 1.66
C PHE A 38 -7.96 6.13 2.91
N PRO A 39 -9.19 6.25 3.47
CA PRO A 39 -9.39 7.06 4.67
C PRO A 39 -8.87 6.34 5.90
N ASN A 40 -9.18 5.06 5.99
CA ASN A 40 -8.74 4.24 7.11
C ASN A 40 -7.21 4.15 7.11
N ARG A 41 -6.67 3.90 5.92
CA ARG A 41 -5.23 3.79 5.77
C ARG A 41 -4.59 5.18 5.76
N THR A 42 -3.28 5.19 5.59
CA THR A 42 -2.53 6.43 5.57
C THR A 42 -1.41 6.37 4.51
N ASP A 43 -0.68 7.46 4.40
CA ASP A 43 0.41 7.54 3.46
C ASP A 43 1.51 6.55 3.86
N GLN A 44 1.43 6.11 5.10
CA GLN A 44 2.41 5.17 5.63
C GLN A 44 1.95 3.74 5.35
N GLN A 45 0.83 3.38 5.95
CA GLN A 45 0.28 2.04 5.78
C GLN A 45 0.24 1.67 4.30
N CYS A 46 0.02 2.68 3.47
CA CYS A 46 -0.04 2.47 2.03
C CYS A 46 1.36 2.08 1.54
N GLN A 47 2.26 3.04 1.63
CA GLN A 47 3.64 2.83 1.20
C GLN A 47 4.18 1.55 1.84
N TYR A 48 3.98 1.44 3.15
CA TYR A 48 4.46 0.28 3.88
C TYR A 48 3.86 -1.00 3.32
N ARG A 49 2.54 -1.09 3.40
CA ARG A 49 1.85 -2.27 2.90
C ARG A 49 2.31 -2.60 1.48
N TRP A 50 2.74 -1.56 0.77
CA TRP A 50 3.20 -1.73 -0.59
C TRP A 50 4.63 -2.28 -0.54
N LEU A 51 5.52 -1.48 0.04
CA LEU A 51 6.92 -1.88 0.16
C LEU A 51 7.00 -3.16 0.99
N ARG A 52 5.88 -3.51 1.58
CA ARG A 52 5.82 -4.72 2.40
C ARG A 52 5.14 -5.85 1.63
N VAL A 53 4.02 -5.53 1.01
CA VAL A 53 3.28 -6.51 0.24
C VAL A 53 3.40 -6.19 -1.24
N LEU A 54 2.90 -5.01 -1.60
CA LEU A 54 2.94 -4.57 -2.99
C LEU A 54 4.36 -4.08 -3.32
N SER A 55 5.29 -5.03 -3.34
CA SER A 55 6.67 -4.72 -3.64
C SER A 55 7.12 -5.45 -4.90
N GLY A 56 8.01 -4.82 -5.63
CA GLY A 56 8.53 -5.40 -6.86
C GLY A 56 9.84 -6.14 -6.60
N PRO A 57 10.90 -5.34 -6.33
CA PRO A 57 12.22 -5.90 -6.07
C PRO A 57 12.28 -6.53 -4.68
N SER A 58 11.84 -7.78 -4.60
CA SER A 58 11.84 -8.49 -3.34
C SER A 58 13.20 -8.36 -2.66
N SER A 59 13.16 -8.03 -1.38
CA SER A 59 14.38 -7.87 -0.60
C SER A 59 14.88 -9.24 -0.14
N GLY A 60 16.05 -9.61 -0.65
CA GLY A 60 16.65 -10.89 -0.30
C GLY A 60 17.64 -11.34 -1.36
N GLY A 1 13.98 -5.53 12.28
CA GLY A 1 14.92 -4.44 12.42
C GLY A 1 14.34 -3.34 13.33
N SER A 2 15.12 -2.28 13.46
CA SER A 2 14.70 -1.16 14.30
C SER A 2 14.48 -1.63 15.74
N SER A 3 14.33 -0.66 16.63
CA SER A 3 14.12 -0.96 18.04
C SER A 3 12.65 -0.67 18.41
N GLY A 4 11.88 -1.73 18.55
CA GLY A 4 10.48 -1.60 18.91
C GLY A 4 9.65 -1.14 17.71
N SER A 5 9.05 -2.12 17.04
CA SER A 5 8.23 -1.84 15.88
C SER A 5 7.44 -3.09 15.48
N SER A 6 6.12 -2.92 15.44
CA SER A 6 5.24 -4.02 15.07
C SER A 6 4.00 -3.48 14.35
N GLY A 7 4.11 -3.38 13.04
CA GLY A 7 3.01 -2.88 12.23
C GLY A 7 2.40 -4.00 11.39
N LYS A 8 1.11 -3.87 11.12
CA LYS A 8 0.40 -4.87 10.33
C LYS A 8 -0.99 -4.33 9.98
N VAL A 9 -1.30 -4.37 8.70
CA VAL A 9 -2.59 -3.91 8.22
C VAL A 9 -3.21 -4.96 7.30
N LYS A 10 -4.49 -5.22 7.52
CA LYS A 10 -5.21 -6.19 6.72
C LYS A 10 -5.67 -5.55 5.42
N TRP A 11 -5.25 -6.13 4.31
CA TRP A 11 -5.62 -5.62 3.01
C TRP A 11 -6.22 -6.78 2.19
N THR A 12 -7.23 -6.44 1.41
CA THR A 12 -7.90 -7.43 0.58
C THR A 12 -7.65 -7.15 -0.89
N HIS A 13 -7.91 -8.15 -1.72
CA HIS A 13 -7.71 -8.03 -3.15
C HIS A 13 -8.17 -6.65 -3.61
N GLU A 14 -9.14 -6.10 -2.89
CA GLU A 14 -9.66 -4.79 -3.21
C GLU A 14 -8.61 -3.71 -2.93
N GLU A 15 -8.35 -3.52 -1.65
CA GLU A 15 -7.37 -2.53 -1.22
C GLU A 15 -6.09 -2.66 -2.06
N ASP A 16 -5.55 -3.87 -2.07
CA ASP A 16 -4.34 -4.14 -2.81
C ASP A 16 -4.50 -3.61 -4.25
N GLU A 17 -5.43 -4.21 -4.97
CA GLU A 17 -5.69 -3.80 -6.34
C GLU A 17 -5.79 -2.28 -6.43
N GLN A 18 -6.65 -1.72 -5.60
CA GLN A 18 -6.85 -0.28 -5.57
C GLN A 18 -5.50 0.44 -5.60
N LEU A 19 -4.72 0.21 -4.56
CA LEU A 19 -3.41 0.83 -4.46
C LEU A 19 -2.60 0.51 -5.71
N ARG A 20 -2.45 -0.78 -5.96
CA ARG A 20 -1.70 -1.24 -7.12
C ARG A 20 -2.03 -0.38 -8.34
N ALA A 21 -3.31 -0.04 -8.45
CA ALA A 21 -3.78 0.77 -9.57
C ALA A 21 -3.45 2.24 -9.28
N LEU A 22 -3.91 2.71 -8.13
CA LEU A 22 -3.69 4.08 -7.73
C LEU A 22 -2.24 4.46 -8.05
N VAL A 23 -1.36 3.48 -7.93
CA VAL A 23 0.05 3.70 -8.18
C VAL A 23 0.25 4.01 -9.67
N ARG A 24 -0.09 3.03 -10.49
CA ARG A 24 0.05 3.19 -11.93
C ARG A 24 -0.82 4.36 -12.42
N GLN A 25 -1.93 4.55 -11.75
CA GLN A 25 -2.84 5.63 -12.09
C GLN A 25 -2.06 6.91 -12.38
N PHE A 26 -1.45 7.44 -11.34
CA PHE A 26 -0.68 8.66 -11.45
C PHE A 26 0.81 8.39 -11.20
N GLY A 27 1.07 7.69 -10.10
CA GLY A 27 2.44 7.37 -9.74
C GLY A 27 2.59 7.29 -8.22
N GLN A 28 3.29 6.25 -7.78
CA GLN A 28 3.52 6.04 -6.36
C GLN A 28 4.63 6.97 -5.87
N GLN A 29 4.47 8.26 -6.18
CA GLN A 29 5.44 9.25 -5.76
C GLN A 29 4.91 10.07 -4.59
N ASP A 30 3.63 10.39 -4.68
CA ASP A 30 2.98 11.17 -3.62
C ASP A 30 1.91 10.32 -2.95
N TRP A 31 2.39 9.34 -2.18
CA TRP A 31 1.49 8.45 -1.47
C TRP A 31 0.50 9.31 -0.67
N LYS A 32 1.02 10.41 -0.14
CA LYS A 32 0.20 11.32 0.64
C LYS A 32 -1.17 11.45 -0.02
N PHE A 33 -1.15 11.65 -1.32
CA PHE A 33 -2.39 11.79 -2.08
C PHE A 33 -3.07 10.43 -2.28
N LEU A 34 -2.25 9.43 -2.54
CA LEU A 34 -2.75 8.09 -2.75
C LEU A 34 -3.64 7.68 -1.57
N ALA A 35 -3.00 7.54 -0.42
CA ALA A 35 -3.72 7.17 0.78
C ALA A 35 -5.02 7.98 0.88
N SER A 36 -4.95 9.21 0.39
CA SER A 36 -6.10 10.09 0.41
C SER A 36 -7.30 9.39 -0.23
N HIS A 37 -7.04 8.70 -1.32
CA HIS A 37 -8.09 7.99 -2.03
C HIS A 37 -8.82 7.06 -1.06
N PHE A 38 -8.03 6.41 -0.20
CA PHE A 38 -8.59 5.49 0.77
C PHE A 38 -9.17 6.25 1.97
N PRO A 39 -10.06 5.55 2.71
CA PRO A 39 -10.70 6.14 3.88
C PRO A 39 -9.72 6.21 5.06
N ASN A 40 -9.72 5.15 5.84
CA ASN A 40 -8.85 5.08 7.00
C ASN A 40 -7.49 4.50 6.58
N ARG A 41 -6.72 5.32 5.87
CA ARG A 41 -5.41 4.90 5.40
C ARG A 41 -4.50 6.12 5.22
N THR A 42 -3.21 5.88 5.38
CA THR A 42 -2.23 6.94 5.23
C THR A 42 -1.07 6.48 4.35
N ASP A 43 -0.37 7.45 3.78
CA ASP A 43 0.76 7.16 2.92
C ASP A 43 1.57 6.02 3.52
N GLN A 44 1.83 6.13 4.81
CA GLN A 44 2.60 5.12 5.52
C GLN A 44 1.98 3.74 5.30
N GLN A 45 0.72 3.62 5.69
CA GLN A 45 0.00 2.36 5.55
C GLN A 45 0.15 1.84 4.12
N CYS A 46 -0.17 2.70 3.18
CA CYS A 46 -0.09 2.34 1.77
C CYS A 46 1.36 1.97 1.46
N GLN A 47 2.22 2.98 1.48
CA GLN A 47 3.63 2.77 1.20
C GLN A 47 4.12 1.48 1.87
N TYR A 48 3.87 1.40 3.17
CA TYR A 48 4.27 0.23 3.93
C TYR A 48 3.69 -1.05 3.34
N ARG A 49 2.37 -1.13 3.35
CA ARG A 49 1.68 -2.29 2.82
C ARG A 49 2.20 -2.61 1.41
N TRP A 50 2.69 -1.58 0.74
CA TRP A 50 3.22 -1.74 -0.60
C TRP A 50 4.64 -2.29 -0.48
N LEU A 51 5.50 -1.49 0.15
CA LEU A 51 6.89 -1.87 0.33
C LEU A 51 6.95 -3.16 1.17
N ARG A 52 5.79 -3.54 1.68
CA ARG A 52 5.69 -4.75 2.50
C ARG A 52 5.07 -5.88 1.69
N VAL A 53 3.97 -5.55 1.03
CA VAL A 53 3.25 -6.54 0.22
C VAL A 53 3.44 -6.21 -1.25
N LEU A 54 2.96 -5.04 -1.64
CA LEU A 54 3.06 -4.59 -3.01
C LEU A 54 4.49 -4.10 -3.28
N SER A 55 5.42 -5.05 -3.27
CA SER A 55 6.82 -4.73 -3.50
C SER A 55 7.29 -5.39 -4.79
N GLY A 56 7.81 -4.56 -5.69
CA GLY A 56 8.31 -5.05 -6.97
C GLY A 56 9.53 -5.94 -6.77
N PRO A 57 10.48 -5.83 -7.75
CA PRO A 57 11.71 -6.61 -7.69
C PRO A 57 12.67 -6.05 -6.64
N SER A 58 12.21 -6.05 -5.41
CA SER A 58 13.01 -5.54 -4.30
C SER A 58 13.33 -4.06 -4.53
N SER A 59 13.56 -3.36 -3.43
CA SER A 59 13.88 -1.94 -3.48
C SER A 59 15.35 -1.73 -3.14
N GLY A 60 16.09 -1.19 -4.11
CA GLY A 60 17.50 -0.93 -3.91
C GLY A 60 17.78 0.57 -3.89
N GLY A 1 14.80 -9.14 11.14
CA GLY A 1 14.48 -10.52 10.85
C GLY A 1 13.00 -10.69 10.47
N SER A 2 12.24 -11.20 11.42
CA SER A 2 10.81 -11.41 11.19
C SER A 2 10.60 -12.41 10.05
N SER A 3 10.62 -13.68 10.41
CA SER A 3 10.43 -14.74 9.43
C SER A 3 9.33 -15.69 9.90
N GLY A 4 8.15 -15.49 9.34
CA GLY A 4 7.01 -16.33 9.70
C GLY A 4 5.84 -15.48 10.21
N SER A 5 5.13 -14.88 9.28
CA SER A 5 3.99 -14.04 9.62
C SER A 5 3.26 -13.60 8.35
N SER A 6 1.96 -13.43 8.49
CA SER A 6 1.13 -13.01 7.37
C SER A 6 1.46 -11.56 6.98
N GLY A 7 1.32 -10.68 7.96
CA GLY A 7 1.59 -9.27 7.74
C GLY A 7 1.33 -8.46 9.01
N LYS A 8 1.02 -7.18 8.80
CA LYS A 8 0.74 -6.29 9.90
C LYS A 8 -0.77 -6.05 9.99
N VAL A 9 -1.31 -5.44 8.95
CA VAL A 9 -2.73 -5.15 8.88
C VAL A 9 -3.34 -5.88 7.69
N LYS A 10 -4.58 -6.34 7.89
CA LYS A 10 -5.29 -7.06 6.85
C LYS A 10 -5.64 -6.08 5.72
N TRP A 11 -5.22 -6.43 4.52
CA TRP A 11 -5.48 -5.60 3.35
C TRP A 11 -6.27 -6.45 2.34
N THR A 12 -7.51 -6.07 2.14
CA THR A 12 -8.37 -6.78 1.20
C THR A 12 -7.85 -6.62 -0.23
N HIS A 13 -8.25 -7.55 -1.07
CA HIS A 13 -7.83 -7.52 -2.47
C HIS A 13 -8.24 -6.20 -3.10
N GLU A 14 -9.50 -5.84 -2.90
CA GLU A 14 -10.03 -4.60 -3.45
C GLU A 14 -9.12 -3.43 -3.08
N GLU A 15 -8.47 -3.56 -1.93
CA GLU A 15 -7.57 -2.54 -1.46
C GLU A 15 -6.22 -2.64 -2.16
N ASP A 16 -5.72 -3.87 -2.23
CA ASP A 16 -4.44 -4.13 -2.88
C ASP A 16 -4.53 -3.73 -4.35
N GLU A 17 -5.59 -4.20 -5.00
CA GLU A 17 -5.79 -3.89 -6.41
C GLU A 17 -5.89 -2.39 -6.62
N GLN A 18 -6.51 -1.73 -5.65
CA GLN A 18 -6.69 -0.28 -5.71
C GLN A 18 -5.32 0.41 -5.72
N LEU A 19 -4.65 0.36 -4.58
CA LEU A 19 -3.35 0.98 -4.45
C LEU A 19 -2.48 0.61 -5.66
N ARG A 20 -2.56 -0.65 -6.03
CA ARG A 20 -1.80 -1.15 -7.17
C ARG A 20 -2.08 -0.30 -8.41
N ALA A 21 -3.36 -0.19 -8.73
CA ALA A 21 -3.78 0.60 -9.87
C ALA A 21 -3.51 2.08 -9.61
N LEU A 22 -3.89 2.51 -8.42
CA LEU A 22 -3.70 3.89 -8.02
C LEU A 22 -2.25 4.30 -8.29
N VAL A 23 -1.34 3.40 -7.94
CA VAL A 23 0.07 3.66 -8.14
C VAL A 23 0.32 4.02 -9.60
N ARG A 24 0.06 3.05 -10.47
CA ARG A 24 0.26 3.26 -11.90
C ARG A 24 -0.61 4.42 -12.39
N GLN A 25 -1.76 4.56 -11.75
CA GLN A 25 -2.69 5.62 -12.10
C GLN A 25 -1.94 6.93 -12.34
N PHE A 26 -1.35 7.44 -11.27
CA PHE A 26 -0.60 8.68 -11.35
C PHE A 26 0.88 8.45 -11.03
N GLY A 27 1.12 7.74 -9.95
CA GLY A 27 2.48 7.44 -9.53
C GLY A 27 2.56 7.25 -8.01
N GLN A 28 3.16 6.15 -7.61
CA GLN A 28 3.31 5.84 -6.19
C GLN A 28 4.10 6.95 -5.49
N GLN A 29 4.89 7.65 -6.28
CA GLN A 29 5.70 8.74 -5.74
C GLN A 29 4.87 9.60 -4.79
N ASP A 30 3.64 9.87 -5.21
CA ASP A 30 2.73 10.67 -4.40
C ASP A 30 1.84 9.75 -3.57
N TRP A 31 2.35 9.36 -2.41
CA TRP A 31 1.61 8.49 -1.52
C TRP A 31 0.62 9.35 -0.72
N LYS A 32 1.15 10.44 -0.18
CA LYS A 32 0.33 11.34 0.61
C LYS A 32 -1.04 11.48 -0.06
N PHE A 33 -1.03 11.54 -1.37
CA PHE A 33 -2.26 11.66 -2.14
C PHE A 33 -2.98 10.32 -2.25
N LEU A 34 -2.25 9.35 -2.78
CA LEU A 34 -2.81 8.02 -2.94
C LEU A 34 -3.59 7.63 -1.69
N ALA A 35 -2.93 7.78 -0.55
CA ALA A 35 -3.54 7.46 0.72
C ALA A 35 -4.96 8.04 0.77
N SER A 36 -5.08 9.25 0.23
CA SER A 36 -6.37 9.92 0.20
C SER A 36 -7.48 8.91 -0.11
N HIS A 37 -7.29 8.18 -1.20
CA HIS A 37 -8.27 7.20 -1.62
C HIS A 37 -8.74 6.39 -0.40
N PHE A 38 -7.79 6.04 0.44
CA PHE A 38 -8.09 5.28 1.64
C PHE A 38 -8.15 6.19 2.87
N PRO A 39 -9.35 6.21 3.52
CA PRO A 39 -9.55 7.04 4.70
C PRO A 39 -8.85 6.42 5.92
N ASN A 40 -9.28 5.21 6.26
CA ASN A 40 -8.72 4.51 7.40
C ASN A 40 -7.20 4.43 7.24
N ARG A 41 -6.77 4.00 6.06
CA ARG A 41 -5.36 3.88 5.76
C ARG A 41 -4.74 5.27 5.58
N THR A 42 -3.43 5.27 5.30
CA THR A 42 -2.71 6.50 5.10
C THR A 42 -1.53 6.28 4.16
N ASP A 43 -0.66 7.29 4.11
CA ASP A 43 0.52 7.21 3.26
C ASP A 43 1.43 6.09 3.76
N GLN A 44 1.67 6.09 5.06
CA GLN A 44 2.51 5.08 5.68
C GLN A 44 1.96 3.68 5.41
N GLN A 45 0.81 3.41 6.02
CA GLN A 45 0.16 2.12 5.86
C GLN A 45 0.18 1.71 4.39
N CYS A 46 -0.08 2.67 3.52
CA CYS A 46 -0.09 2.42 2.09
C CYS A 46 1.32 2.05 1.65
N GLN A 47 2.20 3.05 1.66
CA GLN A 47 3.58 2.83 1.27
C GLN A 47 4.12 1.55 1.88
N TYR A 48 3.89 1.41 3.19
CA TYR A 48 4.36 0.25 3.91
C TYR A 48 3.79 -1.04 3.29
N ARG A 49 2.47 -1.16 3.34
CA ARG A 49 1.80 -2.32 2.78
C ARG A 49 2.30 -2.58 1.36
N TRP A 50 2.78 -1.52 0.73
CA TRP A 50 3.28 -1.63 -0.64
C TRP A 50 4.72 -2.13 -0.57
N LEU A 51 5.57 -1.33 0.06
CA LEU A 51 6.97 -1.67 0.20
C LEU A 51 7.09 -2.98 0.99
N ARG A 52 5.97 -3.42 1.52
CA ARG A 52 5.93 -4.64 2.30
C ARG A 52 5.33 -5.77 1.48
N VAL A 53 4.20 -5.47 0.85
CA VAL A 53 3.51 -6.45 0.03
C VAL A 53 3.64 -6.05 -1.45
N LEU A 54 3.09 -4.90 -1.76
CA LEU A 54 3.14 -4.40 -3.13
C LEU A 54 4.54 -3.84 -3.42
N SER A 55 5.50 -4.74 -3.46
CA SER A 55 6.88 -4.37 -3.73
C SER A 55 7.52 -5.36 -4.70
N GLY A 56 8.25 -4.80 -5.65
CA GLY A 56 8.92 -5.62 -6.65
C GLY A 56 7.99 -5.92 -7.83
N PRO A 57 7.97 -4.96 -8.80
CA PRO A 57 7.13 -5.10 -9.98
C PRO A 57 7.73 -6.12 -10.94
N SER A 58 6.87 -6.98 -11.46
CA SER A 58 7.30 -8.01 -12.40
C SER A 58 6.25 -8.17 -13.51
N SER A 59 6.72 -8.62 -14.66
CA SER A 59 5.85 -8.83 -15.81
C SER A 59 6.08 -10.22 -16.40
N GLY A 60 5.12 -11.10 -16.16
CA GLY A 60 5.21 -12.46 -16.67
C GLY A 60 4.14 -13.35 -16.04
N GLY A 1 5.55 9.99 22.87
CA GLY A 1 6.73 9.20 22.62
C GLY A 1 6.77 8.71 21.17
N SER A 2 6.91 9.68 20.26
CA SER A 2 6.95 9.36 18.84
C SER A 2 5.69 8.60 18.44
N SER A 3 4.66 9.38 18.12
CA SER A 3 3.39 8.78 17.71
C SER A 3 3.44 8.42 16.23
N GLY A 4 4.01 7.25 15.95
CA GLY A 4 4.12 6.78 14.57
C GLY A 4 3.14 5.64 14.32
N SER A 5 2.84 5.44 13.04
CA SER A 5 1.92 4.40 12.63
C SER A 5 2.49 3.03 13.02
N SER A 6 1.63 2.20 13.59
CA SER A 6 2.04 0.87 14.01
C SER A 6 2.22 -0.04 12.79
N GLY A 7 1.12 -0.25 12.09
CA GLY A 7 1.13 -1.08 10.90
C GLY A 7 0.28 -2.34 11.09
N LYS A 8 0.43 -3.27 10.16
CA LYS A 8 -0.32 -4.51 10.23
C LYS A 8 -1.82 -4.21 10.08
N VAL A 9 -2.39 -4.76 9.01
CA VAL A 9 -3.80 -4.56 8.74
C VAL A 9 -4.23 -5.46 7.59
N LYS A 10 -5.48 -5.87 7.63
CA LYS A 10 -6.02 -6.73 6.59
C LYS A 10 -6.17 -5.93 5.29
N TRP A 11 -5.58 -6.48 4.24
CA TRP A 11 -5.63 -5.83 2.93
C TRP A 11 -6.09 -6.87 1.91
N THR A 12 -7.38 -6.84 1.61
CA THR A 12 -7.94 -7.76 0.64
C THR A 12 -7.50 -7.41 -0.78
N HIS A 13 -7.87 -8.26 -1.71
CA HIS A 13 -7.51 -8.05 -3.10
C HIS A 13 -8.05 -6.69 -3.57
N GLU A 14 -9.00 -6.17 -2.81
CA GLU A 14 -9.60 -4.89 -3.13
C GLU A 14 -8.63 -3.76 -2.78
N GLU A 15 -8.39 -3.59 -1.49
CA GLU A 15 -7.49 -2.56 -1.02
C GLU A 15 -6.13 -2.68 -1.71
N ASP A 16 -5.88 -3.86 -2.25
CA ASP A 16 -4.63 -4.13 -2.94
C ASP A 16 -4.73 -3.63 -4.39
N GLU A 17 -5.68 -4.23 -5.11
CA GLU A 17 -5.89 -3.86 -6.50
C GLU A 17 -6.03 -2.35 -6.65
N GLN A 18 -6.47 -1.73 -5.56
CA GLN A 18 -6.66 -0.29 -5.55
C GLN A 18 -5.30 0.42 -5.57
N LEU A 19 -4.54 0.21 -4.51
CA LEU A 19 -3.23 0.83 -4.40
C LEU A 19 -2.43 0.52 -5.66
N ARG A 20 -2.36 -0.76 -6.00
CA ARG A 20 -1.63 -1.20 -7.18
C ARG A 20 -1.91 -0.25 -8.35
N ALA A 21 -3.19 -0.06 -8.62
CA ALA A 21 -3.60 0.81 -9.71
C ALA A 21 -3.35 2.27 -9.32
N LEU A 22 -3.95 2.66 -8.20
CA LEU A 22 -3.79 4.01 -7.71
C LEU A 22 -2.34 4.47 -7.90
N VAL A 23 -1.45 3.50 -7.85
CA VAL A 23 -0.03 3.78 -8.02
C VAL A 23 0.24 4.14 -9.48
N ARG A 24 -0.03 3.18 -10.36
CA ARG A 24 0.17 3.39 -11.78
C ARG A 24 -0.70 4.54 -12.28
N GLN A 25 -1.87 4.66 -11.67
CA GLN A 25 -2.80 5.71 -12.05
C GLN A 25 -2.06 7.04 -12.25
N PHE A 26 -1.53 7.55 -11.14
CA PHE A 26 -0.80 8.80 -11.17
C PHE A 26 0.69 8.57 -10.88
N GLY A 27 0.93 7.84 -9.80
CA GLY A 27 2.30 7.54 -9.40
C GLY A 27 2.40 7.34 -7.88
N GLN A 28 3.01 6.22 -7.51
CA GLN A 28 3.18 5.89 -6.12
C GLN A 28 3.92 7.02 -5.38
N GLN A 29 4.82 7.65 -6.12
CA GLN A 29 5.60 8.75 -5.55
C GLN A 29 4.73 9.61 -4.64
N ASP A 30 3.52 9.90 -5.12
CA ASP A 30 2.58 10.71 -4.37
C ASP A 30 1.68 9.79 -3.53
N TRP A 31 2.27 9.24 -2.48
CA TRP A 31 1.53 8.35 -1.59
C TRP A 31 0.52 9.19 -0.81
N LYS A 32 1.00 10.31 -0.31
CA LYS A 32 0.15 11.21 0.46
C LYS A 32 -1.23 11.27 -0.19
N PHE A 33 -1.23 11.46 -1.50
CA PHE A 33 -2.47 11.53 -2.25
C PHE A 33 -3.18 10.18 -2.29
N LEU A 34 -2.44 9.18 -2.74
CA LEU A 34 -2.99 7.84 -2.83
C LEU A 34 -3.79 7.53 -1.57
N ALA A 35 -3.09 7.52 -0.44
CA ALA A 35 -3.73 7.24 0.84
C ALA A 35 -5.01 8.06 0.95
N SER A 36 -4.92 9.31 0.51
CA SER A 36 -6.06 10.21 0.55
C SER A 36 -7.23 9.61 -0.22
N HIS A 37 -6.89 8.90 -1.29
CA HIS A 37 -7.90 8.27 -2.12
C HIS A 37 -8.64 7.21 -1.31
N PHE A 38 -7.89 6.55 -0.44
CA PHE A 38 -8.47 5.50 0.40
C PHE A 38 -9.23 6.11 1.58
N PRO A 39 -10.08 5.25 2.22
CA PRO A 39 -10.86 5.69 3.36
C PRO A 39 -9.99 5.84 4.60
N ASN A 40 -9.88 4.75 5.34
CA ASN A 40 -9.09 4.74 6.56
C ASN A 40 -7.68 4.20 6.24
N ARG A 41 -6.89 5.05 5.61
CA ARG A 41 -5.53 4.69 5.24
C ARG A 41 -4.61 5.90 5.31
N THR A 42 -3.32 5.64 5.18
CA THR A 42 -2.33 6.70 5.23
C THR A 42 -1.17 6.39 4.27
N ASP A 43 -0.40 7.42 3.96
CA ASP A 43 0.73 7.27 3.07
C ASP A 43 1.66 6.18 3.61
N GLN A 44 1.76 6.13 4.93
CA GLN A 44 2.61 5.14 5.59
C GLN A 44 2.04 3.74 5.38
N GLN A 45 0.78 3.58 5.75
CA GLN A 45 0.11 2.30 5.61
C GLN A 45 0.19 1.82 4.16
N CYS A 46 -0.11 2.73 3.24
CA CYS A 46 -0.07 2.41 1.83
C CYS A 46 1.36 2.03 1.46
N GLN A 47 2.24 3.02 1.47
CA GLN A 47 3.64 2.81 1.15
C GLN A 47 4.15 1.53 1.82
N TYR A 48 3.85 1.42 3.11
CA TYR A 48 4.27 0.25 3.87
C TYR A 48 3.68 -1.02 3.30
N ARG A 49 2.35 -1.10 3.32
CA ARG A 49 1.65 -2.26 2.81
C ARG A 49 2.16 -2.62 1.42
N TRP A 50 2.64 -1.59 0.72
CA TRP A 50 3.17 -1.79 -0.63
C TRP A 50 4.59 -2.33 -0.50
N LEU A 51 5.45 -1.52 0.10
CA LEU A 51 6.84 -1.90 0.29
C LEU A 51 6.90 -3.17 1.14
N ARG A 52 5.74 -3.55 1.67
CA ARG A 52 5.66 -4.74 2.50
C ARG A 52 5.01 -5.89 1.72
N VAL A 53 3.91 -5.57 1.08
CA VAL A 53 3.18 -6.55 0.29
C VAL A 53 3.34 -6.24 -1.19
N LEU A 54 2.83 -5.08 -1.58
CA LEU A 54 2.91 -4.65 -2.97
C LEU A 54 4.33 -4.15 -3.26
N SER A 55 5.26 -5.10 -3.28
CA SER A 55 6.64 -4.78 -3.55
C SER A 55 7.45 -6.06 -3.79
N GLY A 56 7.28 -6.60 -4.98
CA GLY A 56 7.98 -7.83 -5.34
C GLY A 56 7.18 -8.63 -6.37
N PRO A 57 7.83 -9.71 -6.89
CA PRO A 57 7.19 -10.56 -7.88
C PRO A 57 6.14 -11.46 -7.23
N SER A 58 4.89 -11.06 -7.41
CA SER A 58 3.78 -11.81 -6.84
C SER A 58 3.62 -13.14 -7.59
N SER A 59 2.94 -14.08 -6.95
CA SER A 59 2.71 -15.38 -7.53
C SER A 59 4.04 -16.06 -7.83
N GLY A 60 4.02 -17.38 -7.81
CA GLY A 60 5.22 -18.16 -8.07
C GLY A 60 4.92 -19.66 -8.00
N GLY A 1 10.56 -1.26 19.70
CA GLY A 1 9.77 -0.04 19.56
C GLY A 1 8.28 -0.33 19.74
N SER A 2 7.75 -1.10 18.80
CA SER A 2 6.34 -1.46 18.83
C SER A 2 6.18 -2.97 18.62
N SER A 3 5.00 -3.46 18.97
CA SER A 3 4.70 -4.88 18.83
C SER A 3 3.22 -5.07 18.54
N GLY A 4 2.95 -5.94 17.56
CA GLY A 4 1.57 -6.22 17.18
C GLY A 4 1.03 -7.43 17.95
N SER A 5 0.44 -7.14 19.09
CA SER A 5 -0.13 -8.18 19.93
C SER A 5 -0.82 -9.24 19.05
N SER A 6 -1.74 -8.75 18.22
CA SER A 6 -2.47 -9.64 17.33
C SER A 6 -1.90 -9.55 15.91
N GLY A 7 -1.98 -8.36 15.36
CA GLY A 7 -1.47 -8.13 14.01
C GLY A 7 -1.33 -6.63 13.73
N LYS A 8 -1.40 -6.29 12.46
CA LYS A 8 -1.28 -4.90 12.04
C LYS A 8 -2.52 -4.50 11.24
N VAL A 9 -2.69 -5.17 10.11
CA VAL A 9 -3.82 -4.90 9.24
C VAL A 9 -4.05 -6.09 8.31
N LYS A 10 -5.23 -6.11 7.70
CA LYS A 10 -5.58 -7.18 6.79
C LYS A 10 -6.09 -6.58 5.48
N TRP A 11 -5.17 -6.38 4.55
CA TRP A 11 -5.51 -5.82 3.26
C TRP A 11 -6.16 -6.92 2.42
N THR A 12 -7.02 -6.51 1.51
CA THR A 12 -7.71 -7.45 0.64
C THR A 12 -7.46 -7.09 -0.83
N HIS A 13 -7.83 -8.01 -1.70
CA HIS A 13 -7.67 -7.81 -3.13
C HIS A 13 -8.24 -6.45 -3.52
N GLU A 14 -9.16 -5.98 -2.71
CA GLU A 14 -9.80 -4.69 -2.95
C GLU A 14 -8.78 -3.55 -2.80
N GLU A 15 -8.37 -3.34 -1.55
CA GLU A 15 -7.40 -2.30 -1.25
C GLU A 15 -6.16 -2.47 -2.12
N ASP A 16 -5.65 -3.68 -2.15
CA ASP A 16 -4.47 -3.98 -2.95
C ASP A 16 -4.67 -3.47 -4.37
N GLU A 17 -5.69 -4.01 -5.01
CA GLU A 17 -6.01 -3.62 -6.39
C GLU A 17 -6.03 -2.09 -6.51
N GLN A 18 -6.79 -1.46 -5.63
CA GLN A 18 -6.90 -0.01 -5.63
C GLN A 18 -5.51 0.63 -5.57
N LEU A 19 -4.87 0.46 -4.41
CA LEU A 19 -3.54 1.02 -4.22
C LEU A 19 -2.67 0.69 -5.43
N ARG A 20 -2.86 -0.51 -5.95
CA ARG A 20 -2.10 -0.95 -7.10
C ARG A 20 -2.42 -0.07 -8.32
N ALA A 21 -3.71 0.03 -8.61
CA ALA A 21 -4.16 0.82 -9.74
C ALA A 21 -3.87 2.30 -9.46
N LEU A 22 -3.68 2.60 -8.18
CA LEU A 22 -3.40 3.96 -7.77
C LEU A 22 -1.94 4.30 -8.09
N VAL A 23 -1.12 3.24 -8.14
CA VAL A 23 0.29 3.41 -8.42
C VAL A 23 0.48 3.60 -9.93
N ARG A 24 -0.01 2.64 -10.68
CA ARG A 24 0.10 2.69 -12.14
C ARG A 24 -0.44 4.02 -12.66
N GLN A 25 -1.58 4.43 -12.10
CA GLN A 25 -2.20 5.68 -12.50
C GLN A 25 -1.16 6.79 -12.59
N PHE A 26 -0.63 7.17 -11.43
CA PHE A 26 0.37 8.21 -11.36
C PHE A 26 1.74 7.64 -10.97
N GLY A 27 1.73 6.87 -9.90
CA GLY A 27 2.96 6.26 -9.41
C GLY A 27 2.98 6.22 -7.88
N GLN A 28 4.10 6.64 -7.32
CA GLN A 28 4.27 6.66 -5.88
C GLN A 28 5.13 7.85 -5.46
N GLN A 29 4.83 9.00 -6.03
CA GLN A 29 5.56 10.21 -5.73
C GLN A 29 5.02 10.85 -4.45
N ASP A 30 3.71 10.95 -4.38
CA ASP A 30 3.06 11.54 -3.23
C ASP A 30 1.99 10.58 -2.70
N TRP A 31 2.44 9.62 -1.91
CA TRP A 31 1.53 8.63 -1.34
C TRP A 31 0.39 9.38 -0.66
N LYS A 32 0.74 10.47 0.01
CA LYS A 32 -0.25 11.27 0.70
C LYS A 32 -1.51 11.38 -0.15
N PHE A 33 -1.30 11.65 -1.43
CA PHE A 33 -2.41 11.78 -2.37
C PHE A 33 -3.09 10.43 -2.59
N LEU A 34 -2.27 9.40 -2.69
CA LEU A 34 -2.79 8.06 -2.90
C LEU A 34 -3.64 7.64 -1.70
N ALA A 35 -3.00 7.60 -0.55
CA ALA A 35 -3.67 7.22 0.68
C ALA A 35 -5.01 7.96 0.76
N SER A 36 -5.03 9.16 0.20
CA SER A 36 -6.23 9.97 0.19
C SER A 36 -7.44 9.12 -0.20
N HIS A 37 -7.21 8.22 -1.15
CA HIS A 37 -8.27 7.34 -1.61
C HIS A 37 -8.82 6.53 -0.44
N PHE A 38 -7.91 6.12 0.43
CA PHE A 38 -8.30 5.34 1.59
C PHE A 38 -8.39 6.21 2.84
N PRO A 39 -9.53 6.06 3.58
CA PRO A 39 -9.76 6.83 4.77
C PRO A 39 -8.90 6.31 5.93
N ASN A 40 -9.41 5.28 6.59
CA ASN A 40 -8.72 4.69 7.71
C ASN A 40 -7.22 4.62 7.39
N ARG A 41 -6.89 3.91 6.33
CA ARG A 41 -5.52 3.76 5.90
C ARG A 41 -4.84 5.14 5.82
N THR A 42 -3.58 5.11 5.41
CA THR A 42 -2.81 6.34 5.28
C THR A 42 -1.66 6.14 4.29
N ASP A 43 -0.77 7.12 4.28
CA ASP A 43 0.38 7.07 3.39
C ASP A 43 1.34 5.97 3.86
N GLN A 44 1.70 6.07 5.13
CA GLN A 44 2.62 5.09 5.72
C GLN A 44 2.11 3.67 5.46
N GLN A 45 0.87 3.44 5.84
CA GLN A 45 0.26 2.13 5.66
C GLN A 45 0.42 1.67 4.21
N CYS A 46 0.00 2.54 3.30
CA CYS A 46 0.09 2.24 1.88
C CYS A 46 1.56 1.99 1.53
N GLN A 47 2.34 3.05 1.61
CA GLN A 47 3.76 2.96 1.30
C GLN A 47 4.35 1.71 1.94
N TYR A 48 3.89 1.41 3.15
CA TYR A 48 4.37 0.25 3.87
C TYR A 48 3.83 -1.04 3.25
N ARG A 49 2.53 -1.24 3.41
CA ARG A 49 1.88 -2.42 2.87
C ARG A 49 2.37 -2.70 1.45
N TRP A 50 2.75 -1.61 0.77
CA TRP A 50 3.23 -1.73 -0.59
C TRP A 50 4.68 -2.22 -0.55
N LEU A 51 5.51 -1.40 0.08
CA LEU A 51 6.92 -1.74 0.21
C LEU A 51 7.07 -3.02 1.03
N ARG A 52 5.95 -3.47 1.58
CA ARG A 52 5.94 -4.68 2.38
C ARG A 52 5.32 -5.83 1.60
N VAL A 53 4.19 -5.55 0.97
CA VAL A 53 3.49 -6.55 0.19
C VAL A 53 3.63 -6.21 -1.30
N LEU A 54 3.10 -5.05 -1.66
CA LEU A 54 3.16 -4.60 -3.05
C LEU A 54 4.58 -4.15 -3.37
N SER A 55 5.49 -5.11 -3.39
CA SER A 55 6.88 -4.83 -3.69
C SER A 55 7.42 -5.85 -4.69
N GLY A 56 7.64 -5.37 -5.91
CA GLY A 56 8.15 -6.23 -6.97
C GLY A 56 9.65 -5.99 -7.18
N PRO A 57 10.07 -6.16 -8.46
CA PRO A 57 11.47 -5.98 -8.81
C PRO A 57 11.83 -4.48 -8.84
N SER A 58 11.88 -3.89 -7.66
CA SER A 58 12.20 -2.48 -7.55
C SER A 58 13.62 -2.32 -6.99
N SER A 59 13.85 -2.93 -5.84
CA SER A 59 15.14 -2.86 -5.19
C SER A 59 16.18 -3.64 -6.01
N GLY A 60 17.29 -2.96 -6.29
CA GLY A 60 18.35 -3.57 -7.07
C GLY A 60 18.93 -4.78 -6.35
N GLY A 1 -2.46 -18.13 11.32
CA GLY A 1 -2.23 -17.77 12.70
C GLY A 1 -0.89 -17.04 12.87
N SER A 2 -0.86 -15.82 12.35
CA SER A 2 0.34 -15.01 12.43
C SER A 2 0.13 -13.85 13.41
N SER A 3 0.63 -14.04 14.62
CA SER A 3 0.50 -13.01 15.64
C SER A 3 1.84 -12.30 15.85
N GLY A 4 1.75 -11.08 16.36
CA GLY A 4 2.94 -10.29 16.62
C GLY A 4 2.63 -9.11 17.53
N SER A 5 3.61 -8.22 17.66
CA SER A 5 3.45 -7.05 18.49
C SER A 5 2.33 -6.16 17.93
N SER A 6 2.54 -5.69 16.71
CA SER A 6 1.57 -4.84 16.06
C SER A 6 0.74 -5.66 15.06
N GLY A 7 1.44 -6.25 14.10
CA GLY A 7 0.79 -7.05 13.08
C GLY A 7 0.87 -6.38 11.71
N LYS A 8 -0.24 -6.43 11.00
CA LYS A 8 -0.31 -5.83 9.68
C LYS A 8 -1.76 -5.43 9.39
N VAL A 9 -1.91 -4.24 8.82
CA VAL A 9 -3.22 -3.73 8.48
C VAL A 9 -3.91 -4.69 7.52
N LYS A 10 -5.15 -5.02 7.85
CA LYS A 10 -5.92 -5.94 7.02
C LYS A 10 -6.14 -5.31 5.65
N TRP A 11 -5.65 -6.00 4.63
CA TRP A 11 -5.78 -5.52 3.26
C TRP A 11 -6.27 -6.69 2.40
N THR A 12 -7.44 -6.50 1.81
CA THR A 12 -8.03 -7.52 0.96
C THR A 12 -7.53 -7.37 -0.47
N HIS A 13 -7.90 -8.34 -1.30
CA HIS A 13 -7.50 -8.33 -2.69
C HIS A 13 -7.96 -7.02 -3.34
N GLU A 14 -8.92 -6.37 -2.69
CA GLU A 14 -9.45 -5.12 -3.20
C GLU A 14 -8.44 -3.98 -2.98
N GLU A 15 -8.25 -3.64 -1.72
CA GLU A 15 -7.31 -2.59 -1.37
C GLU A 15 -5.98 -2.78 -2.10
N ASP A 16 -5.73 -4.03 -2.48
CA ASP A 16 -4.51 -4.35 -3.19
C ASP A 16 -4.60 -3.83 -4.62
N GLU A 17 -5.66 -4.22 -5.31
CA GLU A 17 -5.87 -3.80 -6.68
C GLU A 17 -6.01 -2.27 -6.75
N GLN A 18 -6.50 -1.71 -5.65
CA GLN A 18 -6.68 -0.27 -5.57
C GLN A 18 -5.33 0.44 -5.59
N LEU A 19 -4.61 0.31 -4.49
CA LEU A 19 -3.31 0.93 -4.37
C LEU A 19 -2.47 0.62 -5.61
N ARG A 20 -2.44 -0.66 -5.95
CA ARG A 20 -1.70 -1.11 -7.11
C ARG A 20 -1.99 -0.22 -8.32
N ALA A 21 -3.28 -0.02 -8.56
CA ALA A 21 -3.71 0.81 -9.68
C ALA A 21 -3.45 2.28 -9.34
N LEU A 22 -3.98 2.70 -8.21
CA LEU A 22 -3.81 4.08 -7.76
C LEU A 22 -2.35 4.49 -7.96
N VAL A 23 -1.47 3.50 -7.92
CA VAL A 23 -0.06 3.76 -8.09
C VAL A 23 0.22 4.08 -9.56
N ARG A 24 -0.10 3.13 -10.42
CA ARG A 24 0.12 3.30 -11.85
C ARG A 24 -0.74 4.46 -12.37
N GLN A 25 -1.91 4.61 -11.77
CA GLN A 25 -2.82 5.67 -12.16
C GLN A 25 -2.04 6.99 -12.37
N PHE A 26 -1.50 7.49 -11.28
CA PHE A 26 -0.74 8.73 -11.32
C PHE A 26 0.74 8.48 -11.03
N GLY A 27 0.98 7.75 -9.96
CA GLY A 27 2.34 7.43 -9.54
C GLY A 27 2.43 7.25 -8.03
N GLN A 28 3.05 6.15 -7.64
CA GLN A 28 3.21 5.84 -6.22
C GLN A 28 3.96 6.97 -5.52
N GLN A 29 4.77 7.68 -6.30
CA GLN A 29 5.54 8.79 -5.75
C GLN A 29 4.71 9.57 -4.74
N ASP A 30 3.55 10.03 -5.19
CA ASP A 30 2.65 10.78 -4.33
C ASP A 30 1.78 9.82 -3.54
N TRP A 31 2.35 9.35 -2.43
CA TRP A 31 1.63 8.42 -1.56
C TRP A 31 0.62 9.21 -0.75
N LYS A 32 1.07 10.33 -0.21
CA LYS A 32 0.22 11.19 0.59
C LYS A 32 -1.17 11.25 -0.05
N PHE A 33 -1.16 11.45 -1.36
CA PHE A 33 -2.41 11.54 -2.11
C PHE A 33 -3.10 10.17 -2.18
N LEU A 34 -2.35 9.19 -2.68
CA LEU A 34 -2.88 7.84 -2.81
C LEU A 34 -3.63 7.46 -1.53
N ALA A 35 -3.00 7.78 -0.39
CA ALA A 35 -3.60 7.48 0.89
C ALA A 35 -4.92 8.23 1.04
N SER A 36 -4.92 9.46 0.55
CA SER A 36 -6.11 10.30 0.61
C SER A 36 -7.27 9.60 -0.11
N HIS A 37 -6.92 8.89 -1.17
CA HIS A 37 -7.92 8.17 -1.94
C HIS A 37 -8.67 7.19 -1.03
N PHE A 38 -7.93 6.61 -0.11
CA PHE A 38 -8.50 5.65 0.83
C PHE A 38 -9.12 6.36 2.03
N PRO A 39 -9.98 5.61 2.76
CA PRO A 39 -10.65 6.16 3.94
C PRO A 39 -9.68 6.27 5.11
N ASN A 40 -9.62 5.21 5.89
CA ASN A 40 -8.75 5.17 7.05
C ASN A 40 -7.39 4.59 6.64
N ARG A 41 -6.62 5.39 5.93
CA ARG A 41 -5.32 4.98 5.48
C ARG A 41 -4.39 6.18 5.33
N THR A 42 -3.10 5.91 5.40
CA THR A 42 -2.10 6.97 5.27
C THR A 42 -0.95 6.50 4.39
N ASP A 43 -0.27 7.48 3.79
CA ASP A 43 0.86 7.19 2.92
C ASP A 43 1.70 6.08 3.54
N GLN A 44 1.90 6.19 4.84
CA GLN A 44 2.69 5.21 5.56
C GLN A 44 2.11 3.81 5.37
N GLN A 45 0.82 3.69 5.69
CA GLN A 45 0.13 2.41 5.55
C GLN A 45 0.20 1.94 4.10
N CYS A 46 -0.20 2.82 3.19
CA CYS A 46 -0.20 2.49 1.78
C CYS A 46 1.23 2.09 1.38
N GLN A 47 2.14 3.04 1.53
CA GLN A 47 3.53 2.80 1.18
C GLN A 47 4.02 1.51 1.85
N TYR A 48 3.79 1.43 3.16
CA TYR A 48 4.20 0.27 3.91
C TYR A 48 3.58 -1.01 3.35
N ARG A 49 2.25 -1.05 3.37
CA ARG A 49 1.53 -2.21 2.87
C ARG A 49 2.02 -2.56 1.46
N TRP A 50 2.58 -1.56 0.79
CA TRP A 50 3.08 -1.75 -0.56
C TRP A 50 4.49 -2.31 -0.45
N LEU A 51 5.38 -1.53 0.16
CA LEU A 51 6.76 -1.94 0.33
C LEU A 51 6.80 -3.21 1.17
N ARG A 52 5.65 -3.57 1.71
CA ARG A 52 5.55 -4.76 2.55
C ARG A 52 4.88 -5.90 1.75
N VAL A 53 3.77 -5.56 1.12
CA VAL A 53 3.03 -6.54 0.34
C VAL A 53 3.18 -6.21 -1.15
N LEU A 54 2.68 -5.04 -1.52
CA LEU A 54 2.75 -4.60 -2.91
C LEU A 54 4.16 -4.09 -3.20
N SER A 55 5.10 -5.02 -3.21
CA SER A 55 6.49 -4.68 -3.48
C SER A 55 6.95 -5.36 -4.78
N GLY A 56 6.94 -4.58 -5.84
CA GLY A 56 7.36 -5.08 -7.14
C GLY A 56 8.89 -5.00 -7.30
N PRO A 57 9.51 -6.18 -7.49
CA PRO A 57 10.95 -6.25 -7.66
C PRO A 57 11.37 -5.78 -9.05
N SER A 58 11.09 -4.51 -9.32
CA SER A 58 11.42 -3.92 -10.61
C SER A 58 12.93 -3.70 -10.70
N SER A 59 13.52 -4.31 -11.71
CA SER A 59 14.96 -4.19 -11.93
C SER A 59 15.31 -2.74 -12.26
N GLY A 60 14.70 -2.25 -13.32
CA GLY A 60 14.95 -0.88 -13.76
C GLY A 60 14.15 0.12 -12.90
N GLY A 1 11.65 -11.10 13.28
CA GLY A 1 10.52 -10.99 14.19
C GLY A 1 9.21 -11.36 13.50
N SER A 2 8.56 -10.35 12.96
CA SER A 2 7.30 -10.56 12.27
C SER A 2 7.27 -9.78 10.95
N SER A 3 7.30 -10.53 9.86
CA SER A 3 7.29 -9.92 8.54
C SER A 3 6.78 -10.92 7.50
N GLY A 4 5.49 -10.86 7.25
CA GLY A 4 4.87 -11.75 6.28
C GLY A 4 3.42 -11.34 6.00
N SER A 5 2.59 -11.49 7.02
CA SER A 5 1.18 -11.14 6.90
C SER A 5 0.84 -10.01 7.87
N SER A 6 -0.23 -9.30 7.55
CA SER A 6 -0.68 -8.20 8.38
C SER A 6 -1.57 -8.72 9.52
N GLY A 7 -1.83 -7.84 10.47
CA GLY A 7 -2.66 -8.20 11.61
C GLY A 7 -3.61 -7.06 11.97
N LYS A 8 -3.03 -5.97 12.45
CA LYS A 8 -3.81 -4.81 12.83
C LYS A 8 -4.78 -4.45 11.71
N VAL A 9 -4.20 -4.08 10.57
CA VAL A 9 -4.99 -3.71 9.41
C VAL A 9 -4.92 -4.82 8.37
N LYS A 10 -6.05 -5.49 8.17
CA LYS A 10 -6.13 -6.57 7.20
C LYS A 10 -6.54 -6.01 5.84
N TRP A 11 -5.60 -6.05 4.91
CA TRP A 11 -5.86 -5.55 3.57
C TRP A 11 -6.61 -6.63 2.79
N THR A 12 -7.32 -6.20 1.76
CA THR A 12 -8.07 -7.12 0.94
C THR A 12 -7.67 -6.99 -0.53
N HIS A 13 -8.24 -7.85 -1.36
CA HIS A 13 -7.95 -7.84 -2.78
C HIS A 13 -8.36 -6.49 -3.39
N GLU A 14 -9.18 -5.77 -2.64
CA GLU A 14 -9.65 -4.48 -3.07
C GLU A 14 -8.53 -3.44 -2.97
N GLU A 15 -8.15 -3.14 -1.75
CA GLU A 15 -7.09 -2.17 -1.49
C GLU A 15 -5.87 -2.50 -2.36
N ASP A 16 -5.34 -3.70 -2.14
CA ASP A 16 -4.18 -4.14 -2.89
C ASP A 16 -4.33 -3.73 -4.36
N GLU A 17 -5.43 -4.17 -4.95
CA GLU A 17 -5.70 -3.85 -6.34
C GLU A 17 -5.84 -2.34 -6.54
N GLN A 18 -6.68 -1.74 -5.70
CA GLN A 18 -6.90 -0.31 -5.78
C GLN A 18 -5.56 0.44 -5.76
N LEU A 19 -4.83 0.26 -4.67
CA LEU A 19 -3.54 0.91 -4.52
C LEU A 19 -2.66 0.56 -5.71
N ARG A 20 -2.64 -0.72 -6.04
CA ARG A 20 -1.85 -1.20 -7.17
C ARG A 20 -2.08 -0.31 -8.39
N ALA A 21 -3.34 -0.09 -8.70
CA ALA A 21 -3.71 0.72 -9.84
C ALA A 21 -3.41 2.19 -9.53
N LEU A 22 -3.96 2.64 -8.40
CA LEU A 22 -3.76 4.01 -7.97
C LEU A 22 -2.29 4.40 -8.15
N VAL A 23 -1.44 3.39 -8.09
CA VAL A 23 -0.01 3.61 -8.24
C VAL A 23 0.31 3.89 -9.71
N ARG A 24 -0.01 2.91 -10.55
CA ARG A 24 0.23 3.04 -11.98
C ARG A 24 -0.59 4.21 -12.54
N GLN A 25 -1.78 4.39 -11.99
CA GLN A 25 -2.65 5.45 -12.43
C GLN A 25 -1.86 6.75 -12.63
N PHE A 26 -1.37 7.28 -11.52
CA PHE A 26 -0.59 8.50 -11.56
C PHE A 26 0.88 8.25 -11.23
N GLY A 27 1.08 7.53 -10.14
CA GLY A 27 2.43 7.20 -9.69
C GLY A 27 2.50 7.16 -8.16
N GLN A 28 3.05 6.07 -7.66
CA GLN A 28 3.19 5.89 -6.22
C GLN A 28 4.03 7.03 -5.63
N GLN A 29 4.77 7.70 -6.51
CA GLN A 29 5.60 8.81 -6.08
C GLN A 29 4.87 9.66 -5.04
N ASP A 30 3.60 9.91 -5.31
CA ASP A 30 2.78 10.70 -4.41
C ASP A 30 1.87 9.77 -3.60
N TRP A 31 2.35 9.41 -2.41
CA TRP A 31 1.60 8.53 -1.54
C TRP A 31 0.64 9.40 -0.72
N LYS A 32 1.19 10.46 -0.14
CA LYS A 32 0.40 11.36 0.67
C LYS A 32 -0.97 11.56 0.03
N PHE A 33 -1.00 11.47 -1.29
CA PHE A 33 -2.23 11.63 -2.04
C PHE A 33 -2.98 10.30 -2.14
N LEU A 34 -2.29 9.31 -2.70
CA LEU A 34 -2.88 7.99 -2.86
C LEU A 34 -3.61 7.60 -1.58
N ALA A 35 -3.01 7.96 -0.46
CA ALA A 35 -3.59 7.65 0.84
C ALA A 35 -5.03 8.19 0.89
N SER A 36 -5.18 9.40 0.39
CA SER A 36 -6.49 10.03 0.37
C SER A 36 -7.56 9.02 -0.05
N HIS A 37 -7.26 8.30 -1.11
CA HIS A 37 -8.18 7.30 -1.62
C HIS A 37 -8.65 6.39 -0.48
N PHE A 38 -7.69 6.05 0.39
CA PHE A 38 -7.99 5.20 1.53
C PHE A 38 -8.05 6.01 2.82
N PRO A 39 -9.26 6.07 3.42
CA PRO A 39 -9.45 6.79 4.66
C PRO A 39 -8.85 6.04 5.85
N ASN A 40 -9.29 4.79 6.00
CA ASN A 40 -8.80 3.96 7.08
C ASN A 40 -7.27 3.89 7.02
N ARG A 41 -6.78 3.60 5.82
CA ARG A 41 -5.34 3.49 5.61
C ARG A 41 -4.69 4.87 5.68
N THR A 42 -3.41 4.90 5.37
CA THR A 42 -2.65 6.14 5.39
C THR A 42 -1.41 6.03 4.51
N ASP A 43 -0.83 7.19 4.20
CA ASP A 43 0.36 7.24 3.37
C ASP A 43 1.34 6.16 3.83
N GLN A 44 1.57 6.14 5.14
CA GLN A 44 2.49 5.17 5.71
C GLN A 44 2.03 3.75 5.41
N GLN A 45 0.89 3.39 5.98
CA GLN A 45 0.33 2.07 5.77
C GLN A 45 0.34 1.72 4.28
N CYS A 46 -0.14 2.65 3.48
CA CYS A 46 -0.19 2.46 2.04
C CYS A 46 1.22 2.08 1.56
N GLN A 47 2.13 3.04 1.66
CA GLN A 47 3.50 2.81 1.24
C GLN A 47 4.03 1.52 1.85
N TYR A 48 3.88 1.41 3.17
CA TYR A 48 4.34 0.25 3.89
C TYR A 48 3.76 -1.03 3.28
N ARG A 49 2.45 -1.13 3.32
CA ARG A 49 1.75 -2.29 2.78
C ARG A 49 2.27 -2.59 1.38
N TRP A 50 2.71 -1.55 0.70
CA TRP A 50 3.22 -1.69 -0.65
C TRP A 50 4.64 -2.23 -0.57
N LEU A 51 5.51 -1.45 0.05
CA LEU A 51 6.91 -1.84 0.20
C LEU A 51 6.98 -3.14 1.01
N ARG A 52 5.83 -3.51 1.56
CA ARG A 52 5.75 -4.72 2.36
C ARG A 52 5.10 -5.85 1.55
N VAL A 53 4.00 -5.51 0.91
CA VAL A 53 3.27 -6.49 0.11
C VAL A 53 3.45 -6.14 -1.37
N LEU A 54 2.94 -4.96 -1.74
CA LEU A 54 3.03 -4.50 -3.11
C LEU A 54 4.46 -4.00 -3.38
N SER A 55 5.38 -4.95 -3.39
CA SER A 55 6.77 -4.63 -3.64
C SER A 55 7.62 -5.91 -3.62
N GLY A 56 8.63 -5.94 -4.49
CA GLY A 56 9.50 -7.09 -4.57
C GLY A 56 10.13 -7.19 -5.96
N PRO A 57 11.10 -8.13 -6.09
CA PRO A 57 11.78 -8.35 -7.35
C PRO A 57 10.88 -9.07 -8.35
N SER A 58 9.76 -8.44 -8.65
CA SER A 58 8.80 -9.02 -9.58
C SER A 58 7.63 -8.06 -9.79
N SER A 59 7.43 -7.66 -11.04
CA SER A 59 6.35 -6.75 -11.37
C SER A 59 5.47 -7.37 -12.46
N GLY A 60 4.28 -6.80 -12.61
CA GLY A 60 3.34 -7.28 -13.59
C GLY A 60 2.35 -6.18 -14.00
N GLY A 1 14.07 -8.49 17.05
CA GLY A 1 15.32 -7.80 17.33
C GLY A 1 15.13 -6.27 17.30
N SER A 2 16.14 -5.59 16.78
CA SER A 2 16.09 -4.14 16.69
C SER A 2 15.78 -3.71 15.26
N SER A 3 14.49 -3.55 14.99
CA SER A 3 14.05 -3.14 13.67
C SER A 3 12.59 -2.66 13.72
N GLY A 4 12.20 -1.95 12.69
CA GLY A 4 10.84 -1.44 12.60
C GLY A 4 9.81 -2.56 12.81
N SER A 5 8.98 -2.37 13.83
CA SER A 5 7.95 -3.35 14.15
C SER A 5 6.80 -2.67 14.89
N SER A 6 5.86 -2.15 14.11
CA SER A 6 4.71 -1.49 14.68
C SER A 6 3.50 -2.41 14.67
N GLY A 7 3.11 -2.81 13.46
CA GLY A 7 1.97 -3.70 13.30
C GLY A 7 1.43 -3.64 11.87
N LYS A 8 1.22 -4.82 11.30
CA LYS A 8 0.71 -4.91 9.94
C LYS A 8 -0.70 -4.31 9.89
N VAL A 9 -1.17 -4.08 8.67
CA VAL A 9 -2.50 -3.51 8.48
C VAL A 9 -3.37 -4.53 7.74
N LYS A 10 -4.67 -4.25 7.75
CA LYS A 10 -5.62 -5.14 7.09
C LYS A 10 -5.81 -4.67 5.64
N TRP A 11 -5.48 -5.57 4.72
CA TRP A 11 -5.61 -5.27 3.32
C TRP A 11 -6.20 -6.50 2.62
N THR A 12 -7.22 -6.24 1.80
CA THR A 12 -7.89 -7.31 1.08
C THR A 12 -7.54 -7.24 -0.41
N HIS A 13 -8.09 -8.20 -1.15
CA HIS A 13 -7.85 -8.25 -2.58
C HIS A 13 -8.28 -6.94 -3.24
N GLU A 14 -9.10 -6.19 -2.50
CA GLU A 14 -9.59 -4.92 -2.98
C GLU A 14 -8.50 -3.85 -2.87
N GLU A 15 -8.20 -3.48 -1.64
CA GLU A 15 -7.18 -2.47 -1.38
C GLU A 15 -5.96 -2.72 -2.28
N ASP A 16 -5.41 -3.91 -2.17
CA ASP A 16 -4.24 -4.28 -2.95
C ASP A 16 -4.40 -3.73 -4.37
N GLU A 17 -5.46 -4.17 -5.03
CA GLU A 17 -5.74 -3.72 -6.39
C GLU A 17 -5.84 -2.19 -6.44
N GLN A 18 -6.76 -1.67 -5.65
CA GLN A 18 -6.98 -0.23 -5.60
C GLN A 18 -5.63 0.50 -5.54
N LEU A 19 -4.85 0.17 -4.52
CA LEU A 19 -3.55 0.79 -4.35
C LEU A 19 -2.68 0.47 -5.56
N ARG A 20 -2.44 -0.82 -5.76
CA ARG A 20 -1.62 -1.26 -6.88
C ARG A 20 -1.87 -0.39 -8.11
N ALA A 21 -3.15 -0.11 -8.35
CA ALA A 21 -3.53 0.72 -9.48
C ALA A 21 -3.27 2.19 -9.15
N LEU A 22 -3.90 2.63 -8.07
CA LEU A 22 -3.74 4.01 -7.63
C LEU A 22 -2.28 4.44 -7.82
N VAL A 23 -1.38 3.55 -7.43
CA VAL A 23 0.04 3.82 -7.55
C VAL A 23 0.36 4.17 -9.00
N ARG A 24 0.19 3.19 -9.88
CA ARG A 24 0.46 3.39 -11.29
C ARG A 24 -0.39 4.53 -11.84
N GLN A 25 -1.59 4.68 -11.26
CA GLN A 25 -2.50 5.72 -11.68
C GLN A 25 -1.74 7.04 -11.90
N PHE A 26 -1.22 7.57 -10.80
CA PHE A 26 -0.48 8.81 -10.84
C PHE A 26 1.00 8.58 -10.55
N GLY A 27 1.25 7.85 -9.47
CA GLY A 27 2.61 7.55 -9.07
C GLY A 27 2.71 7.35 -7.55
N GLN A 28 3.33 6.25 -7.18
CA GLN A 28 3.50 5.93 -5.77
C GLN A 28 4.21 7.07 -5.04
N GLN A 29 5.03 7.79 -5.80
CA GLN A 29 5.78 8.91 -5.25
C GLN A 29 4.86 9.79 -4.40
N ASP A 30 3.62 9.90 -4.86
CA ASP A 30 2.62 10.70 -4.16
C ASP A 30 1.73 9.80 -3.32
N TRP A 31 2.30 9.27 -2.24
CA TRP A 31 1.58 8.39 -1.36
C TRP A 31 0.52 9.23 -0.63
N LYS A 32 0.95 10.38 -0.14
CA LYS A 32 0.06 11.28 0.57
C LYS A 32 -1.31 11.28 -0.12
N PHE A 33 -1.29 11.63 -1.40
CA PHE A 33 -2.50 11.69 -2.18
C PHE A 33 -3.17 10.31 -2.25
N LEU A 34 -2.39 9.34 -2.70
CA LEU A 34 -2.89 7.98 -2.82
C LEU A 34 -3.74 7.64 -1.60
N ALA A 35 -3.08 7.56 -0.46
CA ALA A 35 -3.76 7.24 0.79
C ALA A 35 -5.04 8.08 0.89
N SER A 36 -4.93 9.31 0.44
CA SER A 36 -6.07 10.23 0.47
C SER A 36 -7.25 9.62 -0.27
N HIS A 37 -6.93 8.94 -1.36
CA HIS A 37 -7.97 8.30 -2.17
C HIS A 37 -8.72 7.27 -1.32
N PHE A 38 -7.97 6.63 -0.43
CA PHE A 38 -8.55 5.62 0.45
C PHE A 38 -9.24 6.28 1.65
N PRO A 39 -10.07 5.46 2.34
CA PRO A 39 -10.79 5.93 3.51
C PRO A 39 -9.86 6.06 4.72
N ASN A 40 -9.77 4.97 5.47
CA ASN A 40 -8.91 4.95 6.64
C ASN A 40 -7.54 4.38 6.27
N ARG A 41 -6.77 5.20 5.58
CA ARG A 41 -5.44 4.79 5.16
C ARG A 41 -4.51 6.01 5.08
N THR A 42 -3.23 5.75 5.23
CA THR A 42 -2.24 6.81 5.17
C THR A 42 -1.09 6.41 4.24
N ASP A 43 -0.50 7.43 3.63
CA ASP A 43 0.61 7.20 2.70
C ASP A 43 1.52 6.12 3.27
N GLN A 44 1.66 6.15 4.59
CA GLN A 44 2.51 5.17 5.26
C GLN A 44 1.97 3.76 5.04
N GLN A 45 0.69 3.60 5.34
CA GLN A 45 0.05 2.30 5.18
C GLN A 45 0.16 1.83 3.74
N CYS A 46 -0.29 2.68 2.83
CA CYS A 46 -0.24 2.35 1.41
C CYS A 46 1.19 1.98 1.05
N GLN A 47 2.09 2.95 1.22
CA GLN A 47 3.48 2.73 0.91
C GLN A 47 3.99 1.45 1.60
N TYR A 48 3.76 1.40 2.90
CA TYR A 48 4.19 0.25 3.69
C TYR A 48 3.63 -1.05 3.10
N ARG A 49 2.31 -1.16 3.13
CA ARG A 49 1.64 -2.34 2.60
C ARG A 49 2.19 -2.68 1.21
N TRP A 50 2.64 -1.65 0.52
CA TRP A 50 3.19 -1.83 -0.81
C TRP A 50 4.63 -2.35 -0.67
N LEU A 51 5.46 -1.53 -0.04
CA LEU A 51 6.85 -1.90 0.17
C LEU A 51 6.92 -3.15 1.04
N ARG A 52 5.76 -3.54 1.55
CA ARG A 52 5.68 -4.72 2.40
C ARG A 52 5.07 -5.89 1.63
N VAL A 53 3.98 -5.61 0.95
CA VAL A 53 3.29 -6.62 0.17
C VAL A 53 3.48 -6.33 -1.33
N LEU A 54 2.96 -5.18 -1.74
CA LEU A 54 3.07 -4.77 -3.13
C LEU A 54 4.49 -4.30 -3.41
N SER A 55 5.41 -5.26 -3.37
CA SER A 55 6.81 -4.95 -3.62
C SER A 55 7.51 -6.15 -4.26
N GLY A 56 7.31 -6.28 -5.57
CA GLY A 56 7.90 -7.39 -6.31
C GLY A 56 7.62 -7.25 -7.80
N PRO A 57 7.72 -8.41 -8.51
CA PRO A 57 7.48 -8.43 -9.95
C PRO A 57 5.98 -8.34 -10.25
N SER A 58 5.68 -8.03 -11.51
CA SER A 58 4.31 -7.91 -11.93
C SER A 58 3.61 -9.27 -11.85
N SER A 59 2.51 -9.28 -11.11
CA SER A 59 1.74 -10.52 -10.94
C SER A 59 0.55 -10.52 -11.90
N GLY A 60 0.84 -10.88 -13.14
CA GLY A 60 -0.19 -10.94 -14.17
C GLY A 60 0.01 -12.17 -15.07
N GLY A 1 15.46 -9.72 -3.34
CA GLY A 1 15.66 -9.36 -1.96
C GLY A 1 14.60 -8.37 -1.49
N SER A 2 14.19 -8.53 -0.23
CA SER A 2 13.19 -7.66 0.35
C SER A 2 13.53 -7.36 1.81
N SER A 3 13.65 -8.42 2.60
CA SER A 3 13.97 -8.29 4.00
C SER A 3 12.91 -7.44 4.71
N GLY A 4 12.03 -8.13 5.42
CA GLY A 4 10.97 -7.46 6.14
C GLY A 4 9.59 -7.88 5.61
N SER A 5 9.26 -9.14 5.83
CA SER A 5 7.99 -9.68 5.38
C SER A 5 7.21 -10.21 6.57
N SER A 6 6.20 -9.45 6.97
CA SER A 6 5.36 -9.85 8.09
C SER A 6 3.94 -9.30 7.90
N GLY A 7 3.87 -7.99 7.72
CA GLY A 7 2.58 -7.33 7.52
C GLY A 7 1.76 -7.36 8.80
N LYS A 8 0.62 -6.68 8.75
CA LYS A 8 -0.27 -6.62 9.90
C LYS A 8 -1.65 -6.15 9.44
N VAL A 9 -1.73 -4.86 9.14
CA VAL A 9 -2.98 -4.27 8.69
C VAL A 9 -3.56 -5.11 7.55
N LYS A 10 -4.67 -5.77 7.85
CA LYS A 10 -5.32 -6.61 6.86
C LYS A 10 -5.70 -5.76 5.65
N TRP A 11 -5.32 -6.26 4.47
CA TRP A 11 -5.61 -5.57 3.23
C TRP A 11 -6.37 -6.52 2.31
N THR A 12 -7.51 -6.06 1.82
CA THR A 12 -8.33 -6.86 0.94
C THR A 12 -7.88 -6.69 -0.51
N HIS A 13 -8.23 -7.67 -1.33
CA HIS A 13 -7.87 -7.64 -2.74
C HIS A 13 -8.29 -6.30 -3.35
N GLU A 14 -9.55 -5.96 -3.13
CA GLU A 14 -10.09 -4.71 -3.65
C GLU A 14 -9.20 -3.54 -3.23
N GLU A 15 -8.60 -3.67 -2.06
CA GLU A 15 -7.73 -2.64 -1.54
C GLU A 15 -6.35 -2.74 -2.18
N ASP A 16 -5.86 -3.97 -2.28
CA ASP A 16 -4.56 -4.21 -2.87
C ASP A 16 -4.57 -3.77 -4.34
N GLU A 17 -5.59 -4.22 -5.04
CA GLU A 17 -5.74 -3.89 -6.45
C GLU A 17 -5.84 -2.38 -6.63
N GLN A 18 -6.49 -1.74 -5.65
CA GLN A 18 -6.66 -0.30 -5.69
C GLN A 18 -5.30 0.40 -5.67
N LEU A 19 -4.63 0.30 -4.53
CA LEU A 19 -3.33 0.91 -4.37
C LEU A 19 -2.46 0.57 -5.58
N ARG A 20 -2.61 -0.65 -6.05
CA ARG A 20 -1.84 -1.11 -7.21
C ARG A 20 -2.12 -0.22 -8.42
N ALA A 21 -3.40 -0.14 -8.77
CA ALA A 21 -3.81 0.67 -9.91
C ALA A 21 -3.56 2.16 -9.59
N LEU A 22 -3.93 2.53 -8.38
CA LEU A 22 -3.75 3.90 -7.94
C LEU A 22 -2.31 4.34 -8.20
N VAL A 23 -1.39 3.42 -7.91
CA VAL A 23 0.02 3.69 -8.10
C VAL A 23 0.27 4.08 -9.57
N ARG A 24 0.03 3.11 -10.45
CA ARG A 24 0.22 3.34 -11.87
C ARG A 24 -0.65 4.51 -12.34
N GLN A 25 -1.81 4.63 -11.71
CA GLN A 25 -2.74 5.70 -12.06
C GLN A 25 -1.98 7.01 -12.25
N PHE A 26 -1.42 7.51 -11.16
CA PHE A 26 -0.68 8.76 -11.20
C PHE A 26 0.80 8.53 -10.91
N GLY A 27 1.05 7.78 -9.83
CA GLY A 27 2.41 7.47 -9.44
C GLY A 27 2.52 7.33 -7.92
N GLN A 28 3.09 6.21 -7.50
CA GLN A 28 3.26 5.93 -6.09
C GLN A 28 4.02 7.07 -5.41
N GLN A 29 4.76 7.81 -6.22
CA GLN A 29 5.53 8.94 -5.71
C GLN A 29 4.67 9.81 -4.80
N ASP A 30 3.42 9.97 -5.20
CA ASP A 30 2.48 10.77 -4.43
C ASP A 30 1.61 9.84 -3.57
N TRP A 31 2.23 9.32 -2.52
CA TRP A 31 1.53 8.42 -1.61
C TRP A 31 0.48 9.24 -0.85
N LYS A 32 0.93 10.37 -0.31
CA LYS A 32 0.05 11.25 0.43
C LYS A 32 -1.31 11.30 -0.26
N PHE A 33 -1.26 11.45 -1.57
CA PHE A 33 -2.48 11.53 -2.36
C PHE A 33 -3.18 10.18 -2.42
N LEU A 34 -2.40 9.15 -2.68
CA LEU A 34 -2.93 7.80 -2.76
C LEU A 34 -3.65 7.46 -1.45
N ALA A 35 -2.94 7.65 -0.36
CA ALA A 35 -3.50 7.37 0.96
C ALA A 35 -4.85 8.08 1.09
N SER A 36 -4.96 9.22 0.42
CA SER A 36 -6.19 9.99 0.46
C SER A 36 -7.33 9.18 -0.15
N HIS A 37 -7.01 8.46 -1.22
CA HIS A 37 -7.99 7.63 -1.90
C HIS A 37 -8.61 6.66 -0.91
N PHE A 38 -7.88 6.40 0.16
CA PHE A 38 -8.36 5.49 1.19
C PHE A 38 -8.76 6.25 2.46
N PRO A 39 -10.09 6.41 2.62
CA PRO A 39 -10.63 7.12 3.78
C PRO A 39 -10.54 6.24 5.04
N ASN A 40 -9.38 5.64 5.22
CA ASN A 40 -9.16 4.77 6.38
C ASN A 40 -7.75 4.17 6.29
N ARG A 41 -6.82 4.99 5.84
CA ARG A 41 -5.44 4.55 5.72
C ARG A 41 -4.48 5.73 5.93
N THR A 42 -3.20 5.45 5.72
CA THR A 42 -2.18 6.48 5.87
C THR A 42 -1.05 6.26 4.86
N ASP A 43 -0.53 7.37 4.35
CA ASP A 43 0.54 7.32 3.39
C ASP A 43 1.55 6.23 3.80
N GLN A 44 1.76 6.15 5.11
CA GLN A 44 2.69 5.17 5.65
C GLN A 44 2.16 3.75 5.40
N GLN A 45 0.94 3.50 5.88
CA GLN A 45 0.32 2.20 5.72
C GLN A 45 0.38 1.77 4.25
N CYS A 46 0.09 2.73 3.38
CA CYS A 46 0.11 2.45 1.95
C CYS A 46 1.53 2.07 1.54
N GLN A 47 2.40 3.07 1.57
CA GLN A 47 3.80 2.85 1.21
C GLN A 47 4.32 1.58 1.87
N TYR A 48 4.06 1.48 3.16
CA TYR A 48 4.51 0.32 3.93
C TYR A 48 3.87 -0.97 3.39
N ARG A 49 2.55 -1.03 3.50
CA ARG A 49 1.81 -2.18 3.02
C ARG A 49 2.23 -2.54 1.59
N TRP A 50 2.76 -1.53 0.90
CA TRP A 50 3.20 -1.73 -0.46
C TRP A 50 4.64 -2.25 -0.43
N LEU A 51 5.52 -1.43 0.14
CA LEU A 51 6.92 -1.80 0.25
C LEU A 51 7.05 -3.06 1.10
N ARG A 52 5.93 -3.47 1.68
CA ARG A 52 5.91 -4.66 2.51
C ARG A 52 5.25 -5.82 1.77
N VAL A 53 4.09 -5.52 1.18
CA VAL A 53 3.36 -6.53 0.44
C VAL A 53 3.44 -6.21 -1.06
N LEU A 54 2.89 -5.06 -1.42
CA LEU A 54 2.88 -4.63 -2.81
C LEU A 54 4.29 -4.15 -3.19
N SER A 55 5.20 -5.12 -3.26
CA SER A 55 6.58 -4.83 -3.61
C SER A 55 7.31 -6.11 -4.00
N GLY A 56 7.34 -7.05 -3.06
CA GLY A 56 7.99 -8.33 -3.30
C GLY A 56 7.98 -9.19 -2.04
N PRO A 57 6.76 -9.74 -1.73
CA PRO A 57 6.59 -10.58 -0.56
C PRO A 57 7.20 -11.97 -0.80
N SER A 58 6.73 -12.61 -1.85
CA SER A 58 7.21 -13.94 -2.20
C SER A 58 8.01 -13.88 -3.50
N SER A 59 9.30 -14.14 -3.37
CA SER A 59 10.18 -14.13 -4.53
C SER A 59 10.26 -12.72 -5.11
N GLY A 60 11.25 -12.51 -5.95
CA GLY A 60 11.45 -11.21 -6.58
C GLY A 60 11.77 -10.14 -5.54
#